data_7F9T
#
_entry.id   7F9T
#
_cell.length_a   70.587
_cell.length_b   70.630
_cell.length_c   76.485
_cell.angle_alpha   101.050
_cell.angle_beta   92.190
_cell.angle_gamma   115.840
#
_symmetry.space_group_name_H-M   'P 1'
#
loop_
_entity.id
_entity.type
_entity.pdbx_description
1 polymer 'Prolyl-tRNA synthetase (ProRS)'
2 non-polymer 4-[(3S)-3-cyclopropyl-3-(hydroxymethyl)-2-oxidanylidene-pyrrolidin-1-yl]-N-[[3-fluoranyl-5-(1-methylpyrazol-4-yl)phenyl]methyl]-6-methyl-pyridine-2-carboxamide
3 non-polymer 7-bromo-6-chloro-3-{3-[(2R,3S)-3-hydroxypiperidin-2-yl]-2-oxopropyl}quinazolin-4(3H)-one
4 non-polymer '2-(N-MORPHOLINO)-ETHANESULFONIC ACID'
5 non-polymer 'OXAMIC ACID'
6 non-polymer 1,2-ETHANEDIOL
7 non-polymer 'FORMIC ACID'
8 non-polymer 'ACETATE ION'
9 water water
#
_entity_poly.entity_id   1
_entity_poly.type   'polypeptide(L)'
_entity_poly.pdbx_seq_one_letter_code
;GAMVTAKKDENFSEWYTQAIVRSEMIEYYDISGCYIMRPWAFHIWEKVQRFFDDEIKKMGVENSYFPMFVSRHKLEKEKD
HVEGFSPEVAWVTHYGDSPLPEKIAIRPTSETIMYPAYAKWIRSHRDLPLKLNQWCSVVRWEFKQPTPFLRTREFLWQEG
HTAHATEEEAWELVLDILELYRRWYEECLAVPVIKGEKSEGEKFAGGKKTTTVEAFIPENGRGIQAATSHLLGTNFAKMF
EIEFEDEEGHKRLVHQTSWGCTTRSLGVMIMTHGDDKGLVIPPRVASVQVVIIPILFKDENTGEILGKCRELKTMLEKAD
IRVRIDDRSNYTPGWKYNHWEVKGVPLRLELGPKDLAKGTARVVRRDTGEAYQISWADLAPKLLELMEGIQRSLFEKAKA
RLHEGIEKISTFDEVMPALNRKHLVLAPWCEDPESEEQIKKETQKLSEIQAIEAGDSEQVMTGAMKTLCIPFDQPPMPEG
TKCFYTGKPAKRWTLWGRSY
;
_entity_poly.pdbx_strand_id   A,B
#
loop_
_chem_comp.id
_chem_comp.type
_chem_comp.name
_chem_comp.formula
1XK non-polymer 4-[(3S)-3-cyclopropyl-3-(hydroxymethyl)-2-oxidanylidene-pyrrolidin-1-yl]-N-[[3-fluoranyl-5-(1-methylpyrazol-4-yl)phenyl]methyl]-6-methyl-pyridine-2-carboxamide 'C26 H28 F N5 O3'
ACT non-polymer 'ACETATE ION' 'C2 H3 O2 -1'
EDO non-polymer 1,2-ETHANEDIOL 'C2 H6 O2'
FMT non-polymer 'FORMIC ACID' 'C H2 O2'
HFG non-polymer 7-bromo-6-chloro-3-{3-[(2R,3S)-3-hydroxypiperidin-2-yl]-2-oxopropyl}quinazolin-4(3H)-one 'C16 H17 Br Cl N3 O3'
MES non-polymer '2-(N-MORPHOLINO)-ETHANESULFONIC ACID' 'C6 H13 N O4 S'
OXM non-polymer 'OXAMIC ACID' 'C2 H3 N O3'
#
# COMPACT_ATOMS: atom_id res chain seq x y z
N MET A 3 29.40 4.56 12.77
CA MET A 3 29.73 5.98 12.78
C MET A 3 29.93 6.52 11.38
N VAL A 4 29.39 7.71 11.12
CA VAL A 4 29.56 8.35 9.82
C VAL A 4 30.90 9.09 9.83
N THR A 5 31.76 8.79 8.85
CA THR A 5 33.08 9.42 8.78
C THR A 5 33.26 10.41 7.62
N ALA A 6 32.60 10.17 6.50
CA ALA A 6 32.69 11.11 5.38
C ALA A 6 31.96 12.39 5.73
N LYS A 7 32.59 13.53 5.43
CA LYS A 7 32.00 14.82 5.75
C LYS A 7 31.10 15.27 4.60
N LYS A 8 29.92 15.78 4.96
CA LYS A 8 28.88 16.02 3.96
C LYS A 8 29.33 17.01 2.89
N ASP A 9 30.11 18.02 3.28
CA ASP A 9 30.50 19.04 2.30
C ASP A 9 31.67 18.60 1.43
N GLU A 10 32.51 17.69 1.91
CA GLU A 10 33.73 17.33 1.19
C GLU A 10 33.54 16.19 0.20
N ASN A 11 32.92 15.08 0.64
CA ASN A 11 32.66 13.94 -0.24
C ASN A 11 31.18 13.59 -0.07
N PHE A 12 30.34 14.39 -0.73
CA PHE A 12 28.89 14.30 -0.56
C PHE A 12 28.37 12.91 -0.92
N SER A 13 28.88 12.31 -2.00
CA SER A 13 28.33 11.03 -2.45
C SER A 13 28.64 9.91 -1.47
N GLU A 14 29.87 9.86 -0.98
CA GLU A 14 30.22 8.87 0.03
C GLU A 14 29.48 9.14 1.33
N TRP A 15 29.30 10.42 1.67
CA TRP A 15 28.50 10.76 2.84
C TRP A 15 27.09 10.17 2.72
N TYR A 16 26.46 10.35 1.55
CA TYR A 16 25.10 9.87 1.35
C TYR A 16 25.02 8.36 1.50
N THR A 17 25.95 7.64 0.87
CA THR A 17 25.97 6.18 0.98
C THR A 17 26.14 5.74 2.44
N GLN A 18 27.12 6.32 3.14
CA GLN A 18 27.31 5.98 4.53
C GLN A 18 26.07 6.26 5.35
N ALA A 19 25.43 7.41 5.13
CA ALA A 19 24.30 7.81 5.96
C ALA A 19 23.14 6.86 5.82
N ILE A 20 22.83 6.48 4.57
CA ILE A 20 21.65 5.65 4.35
C ILE A 20 21.90 4.20 4.74
N VAL A 21 23.16 3.74 4.72
CA VAL A 21 23.43 2.37 5.13
C VAL A 21 23.57 2.27 6.65
N ARG A 22 24.33 3.17 7.25
CA ARG A 22 24.60 3.08 8.69
C ARG A 22 23.38 3.46 9.52
N SER A 23 22.44 4.20 8.94
CA SER A 23 21.17 4.49 9.61
C SER A 23 20.15 3.36 9.47
N GLU A 24 20.51 2.28 8.76
CA GLU A 24 19.62 1.14 8.52
C GLU A 24 18.40 1.52 7.71
N MET A 25 18.58 2.45 6.77
CA MET A 25 17.48 2.79 5.88
C MET A 25 17.39 1.85 4.68
N ILE A 26 18.53 1.46 4.11
CA ILE A 26 18.53 0.63 2.90
C ILE A 26 19.40 -0.59 3.11
N GLU A 27 19.13 -1.60 2.29
CA GLU A 27 20.03 -2.73 2.15
C GLU A 27 20.26 -2.98 0.66
N TYR A 28 21.47 -3.38 0.30
CA TYR A 28 21.76 -3.64 -1.09
C TYR A 28 21.16 -4.97 -1.53
N TYR A 29 21.13 -5.16 -2.85
CA TYR A 29 20.46 -6.29 -3.47
C TYR A 29 21.27 -6.67 -4.70
N ASP A 30 21.19 -7.94 -5.08
CA ASP A 30 22.04 -8.42 -6.16
C ASP A 30 21.58 -7.95 -7.54
N ILE A 31 20.33 -7.53 -7.68
CA ILE A 31 19.84 -6.98 -8.94
C ILE A 31 20.07 -5.47 -8.93
N SER A 32 20.92 -4.99 -9.84
CA SER A 32 21.35 -3.60 -9.82
C SER A 32 20.17 -2.67 -10.06
N GLY A 33 20.15 -1.56 -9.34
CA GLY A 33 19.09 -0.60 -9.45
C GLY A 33 17.91 -0.83 -8.54
N CYS A 34 17.93 -1.90 -7.74
CA CYS A 34 16.86 -2.21 -6.82
C CYS A 34 17.48 -2.25 -5.43
N TYR A 35 16.76 -1.74 -4.42
CA TYR A 35 17.29 -1.68 -3.07
C TYR A 35 16.16 -2.06 -2.10
N ILE A 36 16.55 -2.67 -0.98
CA ILE A 36 15.58 -3.00 0.06
C ILE A 36 15.37 -1.76 0.91
N MET A 37 14.09 -1.44 1.18
CA MET A 37 13.71 -0.33 2.05
C MET A 37 13.40 -0.91 3.43
N ARG A 38 14.29 -0.67 4.36
CA ARG A 38 14.15 -1.20 5.72
C ARG A 38 13.18 -0.32 6.50
N PRO A 39 12.70 -0.80 7.67
CA PRO A 39 11.66 -0.04 8.38
C PRO A 39 12.02 1.40 8.71
N TRP A 40 13.29 1.71 9.04
CA TRP A 40 13.62 3.10 9.37
C TRP A 40 13.27 4.06 8.24
N ALA A 41 13.43 3.63 6.99
CA ALA A 41 12.98 4.45 5.86
C ALA A 41 11.49 4.25 5.52
N PHE A 42 11.04 3.00 5.60
CA PHE A 42 9.67 2.72 5.18
C PHE A 42 8.65 3.44 6.04
N HIS A 43 8.94 3.65 7.32
CA HIS A 43 8.00 4.37 8.16
C HIS A 43 7.76 5.79 7.65
N ILE A 44 8.81 6.43 7.14
CA ILE A 44 8.66 7.77 6.57
C ILE A 44 7.73 7.73 5.37
N TRP A 45 7.91 6.73 4.50
CA TRP A 45 6.96 6.56 3.40
C TRP A 45 5.54 6.38 3.92
N GLU A 46 5.35 5.55 4.95
CA GLU A 46 4.02 5.35 5.50
C GLU A 46 3.41 6.67 5.97
N LYS A 47 4.23 7.54 6.56
CA LYS A 47 3.70 8.82 7.08
C LYS A 47 3.26 9.75 5.94
N VAL A 48 4.12 9.92 4.93
CA VAL A 48 3.73 10.79 3.81
C VAL A 48 2.57 10.19 3.03
N GLN A 49 2.53 8.86 2.92
CA GLN A 49 1.41 8.22 2.25
C GLN A 49 0.11 8.49 2.97
N ARG A 50 0.11 8.41 4.31
CA ARG A 50 -1.11 8.69 5.05
C ARG A 50 -1.56 10.14 4.89
N PHE A 51 -0.61 11.08 4.99
CA PHE A 51 -0.95 12.50 4.77
C PHE A 51 -1.59 12.70 3.40
N PHE A 52 -0.91 12.22 2.35
CA PHE A 52 -1.39 12.52 1.00
C PHE A 52 -2.71 11.81 0.74
N ASP A 53 -2.82 10.56 1.17
CA ASP A 53 -4.02 9.80 0.94
C ASP A 53 -5.22 10.46 1.61
N ASP A 54 -5.05 10.90 2.88
CA ASP A 54 -6.14 11.61 3.57
C ASP A 54 -6.57 12.86 2.78
N GLU A 55 -5.59 13.61 2.24
CA GLU A 55 -5.91 14.84 1.53
C GLU A 55 -6.64 14.56 0.20
N ILE A 56 -6.16 13.58 -0.57
CA ILE A 56 -6.83 13.36 -1.85
C ILE A 56 -8.22 12.78 -1.63
N LYS A 57 -8.41 12.02 -0.55
CA LYS A 57 -9.75 11.53 -0.26
C LYS A 57 -10.69 12.69 0.02
N LYS A 58 -10.19 13.75 0.68
CA LYS A 58 -11.04 14.93 0.85
C LYS A 58 -11.41 15.54 -0.50
N MET A 59 -10.57 15.39 -1.51
CA MET A 59 -10.93 15.87 -2.85
C MET A 59 -11.83 14.93 -3.63
N GLY A 60 -12.21 13.78 -3.10
CA GLY A 60 -13.02 12.83 -3.85
C GLY A 60 -12.24 11.87 -4.71
N VAL A 61 -10.94 11.80 -4.56
CA VAL A 61 -10.16 10.81 -5.30
C VAL A 61 -10.26 9.49 -4.57
N GLU A 62 -10.48 8.40 -5.31
CA GLU A 62 -10.60 7.09 -4.69
C GLU A 62 -9.45 6.18 -5.14
N ASN A 63 -8.97 5.35 -4.22
CA ASN A 63 -7.90 4.43 -4.55
C ASN A 63 -8.44 3.20 -5.28
N SER A 64 -7.55 2.56 -6.02
CA SER A 64 -7.88 1.41 -6.86
C SER A 64 -6.59 0.63 -7.01
N TYR A 65 -6.67 -0.48 -7.73
CA TYR A 65 -5.45 -1.22 -8.05
C TYR A 65 -5.58 -1.87 -9.42
N PHE A 66 -4.73 -1.45 -10.36
CA PHE A 66 -4.69 -1.98 -11.71
C PHE A 66 -3.50 -2.92 -11.85
N PRO A 67 -3.55 -3.82 -12.83
CA PRO A 67 -2.48 -4.83 -12.96
C PRO A 67 -1.11 -4.23 -13.21
N MET A 68 -0.10 -4.99 -12.81
CA MET A 68 1.28 -4.58 -13.00
CA MET A 68 1.28 -4.58 -13.00
C MET A 68 1.78 -4.87 -14.41
N PHE A 69 1.02 -5.59 -15.22
CA PHE A 69 1.44 -6.00 -16.56
C PHE A 69 0.62 -5.29 -17.61
N VAL A 70 1.27 -4.96 -18.72
CA VAL A 70 0.58 -4.42 -19.88
C VAL A 70 1.01 -5.16 -21.13
N SER A 71 0.05 -5.52 -21.97
CA SER A 71 0.34 -6.24 -23.20
CA SER A 71 0.33 -6.24 -23.20
C SER A 71 1.17 -5.39 -24.14
N ARG A 72 2.01 -6.05 -24.95
CA ARG A 72 2.89 -5.34 -25.87
C ARG A 72 2.11 -4.37 -26.74
N HIS A 73 0.97 -4.83 -27.29
CA HIS A 73 0.21 -4.00 -28.21
C HIS A 73 -0.50 -2.86 -27.50
N LYS A 74 -0.82 -3.03 -26.21
CA LYS A 74 -1.41 -1.92 -25.46
C LYS A 74 -0.36 -0.91 -24.98
N LEU A 75 0.87 -1.36 -24.70
CA LEU A 75 1.91 -0.41 -24.29
C LEU A 75 2.40 0.39 -25.49
N GLU A 76 2.65 -0.30 -26.61
CA GLU A 76 3.18 0.33 -27.81
C GLU A 76 2.07 0.89 -28.70
N LYS A 77 0.98 1.34 -28.09
CA LYS A 77 -0.13 1.91 -28.83
C LYS A 77 0.35 3.08 -29.70
N GLY A 84 10.54 1.01 -34.16
CA GLY A 84 10.61 -0.43 -33.95
C GLY A 84 11.53 -0.79 -32.80
N PHE A 85 11.85 0.20 -31.97
CA PHE A 85 12.69 0.00 -30.80
C PHE A 85 11.86 0.11 -29.53
N SER A 86 12.05 -0.82 -28.61
CA SER A 86 11.26 -0.85 -27.41
C SER A 86 11.65 0.27 -26.46
N PRO A 87 10.70 0.80 -25.69
CA PRO A 87 11.06 1.62 -24.54
C PRO A 87 11.87 0.80 -23.54
N GLU A 88 12.41 1.48 -22.53
CA GLU A 88 13.27 0.83 -21.53
C GLU A 88 12.42 0.17 -20.44
N VAL A 89 11.61 -0.78 -20.87
CA VAL A 89 10.75 -1.51 -19.95
C VAL A 89 11.28 -2.92 -19.79
N ALA A 90 10.93 -3.49 -18.64
CA ALA A 90 11.18 -4.91 -18.39
C ALA A 90 10.08 -5.75 -19.03
N TRP A 91 10.49 -6.71 -19.88
CA TRP A 91 9.56 -7.58 -20.59
C TRP A 91 9.53 -8.97 -19.97
N VAL A 92 8.35 -9.40 -19.56
CA VAL A 92 8.08 -10.79 -19.22
C VAL A 92 7.78 -11.55 -20.51
N THR A 93 8.52 -12.64 -20.75
CA THR A 93 8.38 -13.37 -21.99
C THR A 93 8.04 -14.83 -21.78
N HIS A 94 8.14 -15.32 -20.55
CA HIS A 94 7.95 -16.73 -20.27
C HIS A 94 7.20 -16.90 -18.96
N TYR A 95 6.36 -17.91 -18.90
CA TYR A 95 5.84 -18.41 -17.63
C TYR A 95 6.40 -19.81 -17.48
N GLY A 96 7.13 -20.05 -16.40
CA GLY A 96 7.90 -21.27 -16.35
C GLY A 96 8.84 -21.31 -17.53
N ASP A 97 8.87 -22.45 -18.23
CA ASP A 97 9.68 -22.57 -19.43
C ASP A 97 8.91 -22.22 -20.71
N SER A 98 7.63 -21.83 -20.59
CA SER A 98 6.78 -21.65 -21.76
C SER A 98 6.78 -20.21 -22.21
N PRO A 99 7.02 -19.94 -23.49
CA PRO A 99 6.94 -18.56 -23.97
C PRO A 99 5.50 -18.07 -23.98
N LEU A 100 5.31 -16.82 -23.58
CA LEU A 100 4.00 -16.21 -23.74
C LEU A 100 3.74 -15.99 -25.23
N PRO A 101 2.50 -16.20 -25.69
CA PRO A 101 2.19 -15.88 -27.08
C PRO A 101 2.48 -14.44 -27.43
N GLU A 102 2.30 -13.53 -26.48
CA GLU A 102 2.67 -12.13 -26.64
C GLU A 102 3.35 -11.69 -25.36
N LYS A 103 4.55 -11.12 -25.48
CA LYS A 103 5.24 -10.65 -24.29
C LYS A 103 4.47 -9.50 -23.63
N ILE A 104 4.69 -9.35 -22.33
CA ILE A 104 3.98 -8.33 -21.57
C ILE A 104 5.02 -7.54 -20.77
N ALA A 105 4.77 -6.26 -20.57
CA ALA A 105 5.74 -5.43 -19.87
C ALA A 105 5.30 -5.15 -18.44
N ILE A 106 6.29 -4.96 -17.56
CA ILE A 106 6.02 -4.42 -16.23
CA ILE A 106 5.99 -4.42 -16.24
C ILE A 106 5.75 -2.92 -16.38
N ARG A 107 4.71 -2.45 -15.74
CA ARG A 107 4.32 -1.04 -15.85
C ARG A 107 5.49 -0.10 -15.55
N PRO A 108 5.79 0.86 -16.42
CA PRO A 108 6.64 1.99 -16.07
C PRO A 108 5.82 3.17 -15.57
N THR A 109 4.50 3.09 -15.74
CA THR A 109 3.47 4.05 -15.41
C THR A 109 2.20 3.45 -16.01
N SER A 110 1.00 3.91 -15.64
CA SER A 110 -0.16 3.07 -15.92
C SER A 110 -1.18 3.69 -16.88
N GLU A 111 -0.82 4.73 -17.64
CA GLU A 111 -1.74 5.29 -18.63
C GLU A 111 -2.32 4.24 -19.56
N THR A 112 -1.46 3.36 -20.09
CA THR A 112 -1.94 2.41 -21.10
C THR A 112 -2.71 1.25 -20.48
N ILE A 113 -2.64 1.11 -19.16
CA ILE A 113 -3.41 0.11 -18.42
C ILE A 113 -4.76 0.66 -17.98
N MET A 114 -4.80 1.93 -17.56
CA MET A 114 -6.00 2.54 -17.01
C MET A 114 -6.90 3.15 -18.05
N TYR A 115 -6.35 3.80 -19.08
CA TYR A 115 -7.19 4.60 -19.96
C TYR A 115 -8.17 3.80 -20.82
N PRO A 116 -7.86 2.56 -21.25
CA PRO A 116 -8.93 1.76 -21.90
C PRO A 116 -10.13 1.51 -20.99
N ALA A 117 -9.86 1.31 -19.69
CA ALA A 117 -10.96 1.21 -18.73
C ALA A 117 -11.71 2.52 -18.61
N TYR A 118 -10.98 3.65 -18.59
CA TYR A 118 -11.66 4.94 -18.54
C TYR A 118 -12.60 5.10 -19.74
N ALA A 119 -12.15 4.66 -20.91
CA ALA A 119 -12.97 4.76 -22.12
C ALA A 119 -14.24 3.93 -21.98
N LYS A 120 -14.14 2.77 -21.30
CA LYS A 120 -15.33 1.95 -21.08
CA LYS A 120 -15.33 1.95 -21.08
C LYS A 120 -16.26 2.59 -20.05
N TRP A 121 -15.70 3.14 -18.97
CA TRP A 121 -16.49 3.63 -17.83
C TRP A 121 -17.18 4.96 -18.11
N ILE A 122 -16.59 5.81 -18.96
CA ILE A 122 -17.12 7.15 -19.20
C ILE A 122 -18.00 7.13 -20.45
N ARG A 123 -19.27 7.43 -20.28
CA ARG A 123 -20.19 7.46 -21.42
C ARG A 123 -20.93 8.78 -21.53
N SER A 124 -21.16 9.44 -20.40
CA SER A 124 -21.92 10.67 -20.40
C SER A 124 -21.37 11.60 -19.33
N HIS A 125 -21.83 12.85 -19.36
CA HIS A 125 -21.40 13.82 -18.38
C HIS A 125 -21.69 13.37 -16.95
N ARG A 126 -22.70 12.52 -16.77
CA ARG A 126 -23.03 12.00 -15.45
C ARG A 126 -21.87 11.22 -14.83
N ASP A 127 -21.01 10.65 -15.67
CA ASP A 127 -19.89 9.85 -15.20
C ASP A 127 -18.69 10.69 -14.81
N LEU A 128 -18.78 12.03 -14.90
CA LEU A 128 -17.61 12.85 -14.63
C LEU A 128 -17.87 13.78 -13.46
N PRO A 129 -16.82 14.18 -12.72
CA PRO A 129 -15.43 13.77 -12.93
C PRO A 129 -15.13 12.37 -12.42
N LEU A 130 -14.16 11.71 -13.04
CA LEU A 130 -13.66 10.42 -12.59
C LEU A 130 -12.28 10.64 -12.00
N LYS A 131 -12.08 10.25 -10.73
CA LYS A 131 -10.87 10.57 -9.99
C LYS A 131 -10.34 9.33 -9.31
N LEU A 132 -9.23 8.78 -9.85
CA LEU A 132 -8.65 7.57 -9.27
C LEU A 132 -7.19 7.79 -8.92
N ASN A 133 -6.74 7.03 -7.93
CA ASN A 133 -5.34 7.01 -7.54
C ASN A 133 -4.95 5.56 -7.29
N GLN A 134 -3.67 5.27 -7.45
CA GLN A 134 -3.18 4.00 -6.93
C GLN A 134 -1.79 4.13 -6.33
N TRP A 135 -1.55 3.37 -5.27
CA TRP A 135 -0.24 3.23 -4.66
C TRP A 135 0.35 1.92 -5.16
N CYS A 136 1.54 1.97 -5.74
CA CYS A 136 2.12 0.74 -6.31
C CYS A 136 3.62 0.95 -6.48
N SER A 137 4.28 0.04 -7.19
CA SER A 137 5.62 0.30 -7.67
C SER A 137 5.62 0.22 -9.20
N VAL A 138 6.59 0.92 -9.80
CA VAL A 138 6.80 0.87 -11.24
C VAL A 138 8.27 0.56 -11.51
N VAL A 139 8.54 0.16 -12.74
CA VAL A 139 9.85 -0.30 -13.16
C VAL A 139 10.27 0.44 -14.43
N ARG A 140 11.44 1.08 -14.37
CA ARG A 140 12.03 1.76 -15.51
C ARG A 140 13.48 1.31 -15.60
N TRP A 141 13.77 0.46 -16.57
CA TRP A 141 15.02 -0.30 -16.59
C TRP A 141 16.08 0.47 -17.37
N GLU A 142 16.51 1.58 -16.80
CA GLU A 142 17.50 2.41 -17.46
C GLU A 142 18.89 1.81 -17.25
N PHE A 143 19.73 1.96 -18.27
CA PHE A 143 21.07 1.39 -18.25
C PHE A 143 22.08 2.23 -17.48
N LYS A 144 21.69 3.38 -16.96
CA LYS A 144 22.63 4.26 -16.28
C LYS A 144 22.80 3.85 -14.82
N GLN A 145 23.76 4.47 -14.15
CA GLN A 145 24.07 4.16 -12.75
C GLN A 145 22.94 4.61 -11.81
N PRO A 146 22.49 3.69 -10.94
CA PRO A 146 21.42 4.08 -10.00
C PRO A 146 21.95 4.81 -8.78
N THR A 147 21.03 5.48 -8.09
CA THR A 147 21.30 6.16 -6.81
C THR A 147 20.13 5.79 -5.89
N PRO A 148 20.38 5.20 -4.72
CA PRO A 148 19.28 4.85 -3.82
C PRO A 148 18.36 6.03 -3.55
N PHE A 149 17.06 5.74 -3.54
CA PHE A 149 15.96 6.70 -3.39
C PHE A 149 15.76 7.58 -4.62
N LEU A 150 16.83 8.12 -5.17
CA LEU A 150 16.68 9.21 -6.15
C LEU A 150 16.41 8.72 -7.57
N ARG A 151 17.16 7.71 -8.03
CA ARG A 151 17.00 7.18 -9.39
C ARG A 151 17.19 5.67 -9.29
N THR A 152 16.09 4.94 -9.27
CA THR A 152 16.14 3.49 -9.11
C THR A 152 15.29 2.81 -10.18
N ARG A 153 15.60 1.54 -10.46
CA ARG A 153 14.89 0.82 -11.51
C ARG A 153 13.51 0.38 -11.09
N GLU A 154 13.32 0.05 -9.82
CA GLU A 154 11.99 -0.14 -9.26
C GLU A 154 11.82 0.91 -8.18
N PHE A 155 10.64 1.53 -8.15
CA PHE A 155 10.36 2.48 -7.09
C PHE A 155 8.88 2.48 -6.74
N LEU A 156 8.60 2.79 -5.48
CA LEU A 156 7.25 2.92 -4.97
C LEU A 156 6.77 4.32 -5.28
N TRP A 157 5.50 4.44 -5.63
CA TRP A 157 4.89 5.74 -5.94
C TRP A 157 3.39 5.69 -5.87
N GLN A 158 2.79 6.84 -6.02
CA GLN A 158 1.34 6.92 -6.18
C GLN A 158 1.15 7.64 -7.52
N GLU A 159 0.19 7.18 -8.29
CA GLU A 159 -0.14 7.86 -9.54
C GLU A 159 -1.63 8.15 -9.53
N GLY A 160 -1.98 9.42 -9.75
CA GLY A 160 -3.36 9.86 -9.78
C GLY A 160 -3.71 10.17 -11.23
N HIS A 161 -4.92 9.81 -11.63
CA HIS A 161 -5.39 9.97 -13.01
C HIS A 161 -6.84 10.41 -12.95
N THR A 162 -7.14 11.60 -13.48
CA THR A 162 -8.50 12.11 -13.40
C THR A 162 -8.99 12.52 -14.79
N ALA A 163 -10.32 12.53 -14.94
CA ALA A 163 -10.95 12.96 -16.18
C ALA A 163 -12.12 13.86 -15.83
N HIS A 164 -12.27 14.95 -16.59
CA HIS A 164 -13.24 16.00 -16.31
C HIS A 164 -13.94 16.42 -17.59
N ALA A 165 -15.10 17.05 -17.41
CA ALA A 165 -15.86 17.58 -18.54
C ALA A 165 -15.26 18.87 -19.12
N THR A 166 -14.48 19.63 -18.34
CA THR A 166 -13.90 20.89 -18.80
C THR A 166 -12.44 21.01 -18.42
N GLU A 167 -11.73 21.81 -19.21
CA GLU A 167 -10.32 22.06 -18.94
C GLU A 167 -10.16 22.88 -17.67
N GLU A 168 -11.11 23.78 -17.39
CA GLU A 168 -10.99 24.60 -16.19
C GLU A 168 -11.01 23.74 -14.93
N GLU A 169 -11.92 22.76 -14.87
CA GLU A 169 -11.98 21.86 -13.73
C GLU A 169 -10.73 21.00 -13.65
N ALA A 170 -10.27 20.50 -14.81
CA ALA A 170 -9.02 19.72 -14.80
C ALA A 170 -7.85 20.55 -14.26
N TRP A 171 -7.71 21.80 -14.72
CA TRP A 171 -6.59 22.64 -14.30
C TRP A 171 -6.67 22.97 -12.82
N GLU A 172 -7.89 23.25 -12.32
CA GLU A 172 -8.08 23.43 -10.89
C GLU A 172 -7.55 22.25 -10.09
N LEU A 173 -7.85 21.02 -10.55
CA LEU A 173 -7.35 19.84 -9.84
C LEU A 173 -5.83 19.71 -9.95
N VAL A 174 -5.26 19.98 -11.13
CA VAL A 174 -3.81 19.98 -11.30
C VAL A 174 -3.16 20.82 -10.22
N LEU A 175 -3.70 22.01 -10.00
CA LEU A 175 -3.10 22.95 -9.05
C LEU A 175 -3.34 22.54 -7.61
N ASP A 176 -4.52 21.96 -7.31
CA ASP A 176 -4.79 21.46 -5.96
C ASP A 176 -3.83 20.33 -5.60
N ILE A 177 -3.55 19.42 -6.56
CA ILE A 177 -2.61 18.34 -6.30
C ILE A 177 -1.20 18.90 -6.10
N LEU A 178 -0.79 19.85 -6.97
CA LEU A 178 0.55 20.41 -6.80
C LEU A 178 0.70 21.04 -5.42
N GLU A 179 -0.36 21.68 -4.92
CA GLU A 179 -0.30 22.23 -3.58
C GLU A 179 -0.16 21.13 -2.53
N LEU A 180 -0.82 19.98 -2.75
CA LEU A 180 -0.62 18.86 -1.83
C LEU A 180 0.83 18.38 -1.84
N TYR A 181 1.47 18.38 -3.01
CA TYR A 181 2.88 18.00 -3.08
C TYR A 181 3.78 19.01 -2.38
N ARG A 182 3.49 20.31 -2.56
CA ARG A 182 4.19 21.29 -1.74
C ARG A 182 4.05 20.96 -0.27
N ARG A 183 2.84 20.59 0.17
CA ARG A 183 2.65 20.28 1.59
C ARG A 183 3.37 18.99 2.00
N TRP A 184 3.35 17.97 1.16
CA TRP A 184 4.10 16.75 1.44
C TRP A 184 5.55 17.09 1.78
N TYR A 185 6.20 17.87 0.90
CA TYR A 185 7.59 18.23 1.14
C TYR A 185 7.75 19.20 2.30
N GLU A 186 7.01 20.31 2.28
CA GLU A 186 7.28 21.40 3.23
C GLU A 186 6.74 21.10 4.61
N GLU A 187 5.52 20.57 4.71
CA GLU A 187 4.91 20.29 6.00
C GLU A 187 5.36 18.96 6.58
N CYS A 188 5.51 17.90 5.78
CA CYS A 188 5.90 16.63 6.39
C CYS A 188 7.41 16.51 6.50
N LEU A 189 8.10 16.76 5.38
CA LEU A 189 9.53 16.51 5.28
C LEU A 189 10.39 17.72 5.59
N ALA A 190 9.77 18.89 5.81
CA ALA A 190 10.51 20.12 6.09
C ALA A 190 11.48 20.50 4.97
N VAL A 191 11.15 20.16 3.73
CA VAL A 191 11.98 20.48 2.57
C VAL A 191 11.28 21.58 1.79
N PRO A 192 11.92 22.73 1.57
CA PRO A 192 11.31 23.78 0.75
C PRO A 192 11.39 23.41 -0.73
N VAL A 193 10.30 23.70 -1.46
CA VAL A 193 10.23 23.42 -2.88
C VAL A 193 9.65 24.63 -3.59
N ILE A 194 9.88 24.67 -4.89
CA ILE A 194 9.43 25.77 -5.75
C ILE A 194 8.41 25.20 -6.72
N LYS A 195 7.21 25.78 -6.74
CA LYS A 195 6.20 25.40 -7.72
C LYS A 195 6.48 26.09 -9.04
N GLY A 196 6.36 25.35 -10.13
CA GLY A 196 6.53 25.98 -11.42
C GLY A 196 5.95 25.17 -12.56
N GLU A 197 6.10 25.70 -13.76
CA GLU A 197 5.66 25.06 -14.99
C GLU A 197 6.89 24.57 -15.74
N LYS A 198 6.83 23.36 -16.29
CA LYS A 198 7.94 22.88 -17.10
C LYS A 198 7.97 23.58 -18.45
N SER A 199 9.17 23.76 -19.00
CA SER A 199 9.35 24.26 -20.36
C SER A 199 8.76 23.27 -21.38
N GLU A 200 8.57 23.75 -22.60
CA GLU A 200 8.06 22.89 -23.66
C GLU A 200 8.96 21.68 -23.89
N GLY A 201 10.29 21.88 -23.77
CA GLY A 201 11.19 20.75 -23.96
C GLY A 201 11.22 19.76 -22.83
N GLU A 202 10.82 20.18 -21.62
CA GLU A 202 10.92 19.34 -20.43
C GLU A 202 9.58 18.76 -19.98
N LYS A 203 8.46 19.20 -20.56
CA LYS A 203 7.17 18.72 -20.09
C LYS A 203 6.93 17.32 -20.62
N PHE A 204 5.98 16.64 -19.98
CA PHE A 204 5.51 15.34 -20.45
C PHE A 204 4.94 15.48 -21.86
N ALA A 205 5.52 14.74 -22.82
CA ALA A 205 5.11 14.91 -24.22
C ALA A 205 3.67 14.49 -24.43
N GLY A 206 3.15 13.60 -23.61
CA GLY A 206 1.77 13.20 -23.76
C GLY A 206 0.74 14.20 -23.29
N GLY A 207 1.15 15.34 -22.73
CA GLY A 207 0.24 16.28 -22.11
C GLY A 207 0.35 17.68 -22.67
N LYS A 208 -0.48 18.56 -22.11
CA LYS A 208 -0.57 19.95 -22.54
C LYS A 208 0.33 20.86 -21.73
N LYS A 209 0.33 20.69 -20.41
CA LYS A 209 1.17 21.51 -19.55
C LYS A 209 1.58 20.66 -18.36
N THR A 210 2.86 20.71 -18.01
CA THR A 210 3.33 20.00 -16.82
C THR A 210 3.69 21.02 -15.77
N THR A 211 3.17 20.84 -14.56
CA THR A 211 3.60 21.60 -13.39
C THR A 211 4.43 20.69 -12.50
N THR A 212 5.27 21.31 -11.70
CA THR A 212 6.27 20.58 -10.93
C THR A 212 6.54 21.28 -9.62
N VAL A 213 7.04 20.53 -8.64
CA VAL A 213 7.75 21.14 -7.51
C VAL A 213 9.21 20.73 -7.61
N GLU A 214 10.11 21.70 -7.45
CA GLU A 214 11.53 21.47 -7.60
C GLU A 214 12.25 21.72 -6.28
N ALA A 215 13.23 20.86 -5.97
CA ALA A 215 14.08 21.04 -4.80
C ALA A 215 15.51 21.30 -5.26
N PHE A 216 16.32 21.77 -4.31
CA PHE A 216 17.70 22.14 -4.58
C PHE A 216 18.63 21.45 -3.58
N ILE A 217 19.72 20.87 -4.10
CA ILE A 217 20.71 20.19 -3.27
C ILE A 217 21.99 21.03 -3.23
N PRO A 218 22.21 21.81 -2.17
CA PRO A 218 23.38 22.72 -2.16
C PRO A 218 24.73 22.01 -2.32
N GLU A 219 24.88 20.79 -1.83
CA GLU A 219 26.21 20.17 -1.81
C GLU A 219 26.73 19.86 -3.20
N ASN A 220 25.85 19.60 -4.16
CA ASN A 220 26.27 19.38 -5.53
C ASN A 220 25.70 20.42 -6.50
N GLY A 221 24.93 21.37 -6.00
CA GLY A 221 24.40 22.45 -6.81
C GLY A 221 23.30 22.04 -7.77
N ARG A 222 22.70 20.87 -7.59
CA ARG A 222 21.75 20.34 -8.55
C ARG A 222 20.31 20.57 -8.10
N GLY A 223 19.47 20.97 -9.05
CA GLY A 223 18.04 20.86 -8.84
C GLY A 223 17.57 19.43 -9.05
N ILE A 224 16.46 19.09 -8.38
CA ILE A 224 15.85 17.78 -8.56
C ILE A 224 14.34 17.94 -8.58
N GLN A 225 13.68 17.29 -9.52
CA GLN A 225 12.23 17.33 -9.58
C GLN A 225 11.64 16.48 -8.47
N ALA A 226 10.80 17.08 -7.65
CA ALA A 226 10.31 16.45 -6.44
C ALA A 226 8.97 15.76 -6.62
N ALA A 227 8.12 16.23 -7.53
CA ALA A 227 6.81 15.67 -7.83
C ALA A 227 6.28 16.38 -9.05
N THR A 228 5.24 15.80 -9.66
CA THR A 228 4.75 16.38 -10.92
C THR A 228 3.24 16.28 -11.00
N SER A 229 2.63 17.26 -11.68
CA SER A 229 1.17 17.25 -11.88
C SER A 229 0.88 17.83 -13.26
N HIS A 230 0.24 17.05 -14.12
CA HIS A 230 0.09 17.32 -15.55
C HIS A 230 -1.35 17.64 -15.90
N LEU A 231 -1.55 18.74 -16.64
CA LEU A 231 -2.76 18.96 -17.40
C LEU A 231 -2.55 18.25 -18.73
N LEU A 232 -3.26 17.16 -18.94
CA LEU A 232 -3.08 16.36 -20.14
C LEU A 232 -3.91 16.87 -21.31
N GLY A 233 -4.89 17.72 -21.04
CA GLY A 233 -5.82 18.15 -22.08
C GLY A 233 -6.59 16.97 -22.63
N THR A 234 -6.80 16.99 -23.96
CA THR A 234 -7.58 15.96 -24.62
C THR A 234 -6.74 14.97 -25.45
N ASN A 235 -5.41 15.05 -25.41
CA ASN A 235 -4.57 14.17 -26.23
C ASN A 235 -4.84 12.70 -25.95
N PHE A 236 -4.80 12.31 -24.67
CA PHE A 236 -5.03 10.91 -24.34
C PHE A 236 -6.48 10.53 -24.58
N ALA A 237 -7.41 11.47 -24.43
CA ALA A 237 -8.81 11.15 -24.71
C ALA A 237 -9.00 10.84 -26.19
N LYS A 238 -8.28 11.55 -27.06
CA LYS A 238 -8.31 11.22 -28.48
C LYS A 238 -7.68 9.86 -28.74
N MET A 239 -6.53 9.60 -28.15
CA MET A 239 -5.81 8.35 -28.42
C MET A 239 -6.58 7.13 -27.94
N PHE A 240 -7.28 7.25 -26.80
CA PHE A 240 -7.99 6.12 -26.21
C PHE A 240 -9.49 6.17 -26.41
N GLU A 241 -9.99 7.17 -27.14
CA GLU A 241 -11.42 7.33 -27.38
C GLU A 241 -12.20 7.39 -26.07
N ILE A 242 -11.77 8.29 -25.18
CA ILE A 242 -12.47 8.57 -23.92
C ILE A 242 -13.37 9.76 -24.19
N GLU A 243 -14.62 9.49 -24.53
CA GLU A 243 -15.58 10.49 -24.95
C GLU A 243 -16.83 10.37 -24.09
N PHE A 244 -17.56 11.48 -23.98
CA PHE A 244 -18.80 11.48 -23.22
C PHE A 244 -19.83 12.31 -23.96
N GLU A 245 -21.09 11.93 -23.82
CA GLU A 245 -22.17 12.76 -24.35
C GLU A 245 -22.49 13.86 -23.34
N ASP A 246 -22.52 15.10 -23.81
CA ASP A 246 -22.72 16.23 -22.91
C ASP A 246 -24.21 16.42 -22.58
N GLU A 247 -24.50 17.43 -21.73
CA GLU A 247 -25.87 17.69 -21.29
C GLU A 247 -26.83 17.95 -22.44
N GLU A 248 -26.32 18.27 -23.63
CA GLU A 248 -27.15 18.49 -24.79
C GLU A 248 -27.01 17.41 -25.85
N GLY A 249 -26.25 16.36 -25.58
CA GLY A 249 -26.22 15.18 -26.44
C GLY A 249 -25.08 15.08 -27.43
N HIS A 250 -24.08 15.95 -27.36
CA HIS A 250 -22.97 15.93 -28.31
C HIS A 250 -21.77 15.24 -27.71
N LYS A 251 -21.07 14.45 -28.53
CA LYS A 251 -19.89 13.73 -28.08
C LYS A 251 -18.74 14.70 -27.88
N ARG A 252 -18.07 14.57 -26.74
CA ARG A 252 -16.96 15.44 -26.40
C ARG A 252 -15.83 14.65 -25.78
N LEU A 253 -14.61 15.15 -25.93
CA LEU A 253 -13.46 14.51 -25.31
C LEU A 253 -13.32 14.97 -23.87
N VAL A 254 -12.93 14.04 -22.98
CA VAL A 254 -12.63 14.42 -21.60
C VAL A 254 -11.31 15.17 -21.52
N HIS A 255 -11.15 15.93 -20.44
CA HIS A 255 -9.92 16.65 -20.14
C HIS A 255 -9.29 15.99 -18.94
N GLN A 256 -8.06 15.54 -19.09
CA GLN A 256 -7.49 14.66 -18.09
C GLN A 256 -6.34 15.32 -17.32
N THR A 257 -6.04 14.74 -16.17
CA THR A 257 -4.85 15.07 -15.41
C THR A 257 -4.16 13.78 -15.00
N SER A 258 -2.87 13.89 -14.70
CA SER A 258 -2.19 12.78 -14.00
C SER A 258 -1.08 13.37 -13.14
N TRP A 259 -0.68 12.64 -12.12
CA TRP A 259 0.21 13.25 -11.14
C TRP A 259 0.87 12.14 -10.35
N GLY A 260 2.12 12.38 -9.95
CA GLY A 260 2.78 11.36 -9.16
C GLY A 260 3.90 11.89 -8.29
N CYS A 261 4.21 11.08 -7.27
CA CYS A 261 5.32 11.38 -6.38
C CYS A 261 5.79 10.04 -5.81
N THR A 262 7.09 9.96 -5.53
CA THR A 262 7.76 8.68 -5.28
C THR A 262 8.60 8.75 -4.00
N THR A 263 9.22 7.60 -3.67
CA THR A 263 10.18 7.55 -2.57
C THR A 263 11.44 8.37 -2.81
N ARG A 264 11.60 8.98 -3.99
CA ARG A 264 12.63 10.00 -4.16
C ARG A 264 12.51 11.07 -3.07
N SER A 265 11.28 11.33 -2.62
CA SER A 265 11.07 12.34 -1.58
C SER A 265 11.88 12.05 -0.32
N LEU A 266 12.01 10.77 0.06
CA LEU A 266 12.84 10.41 1.21
C LEU A 266 14.30 10.78 0.98
N GLY A 267 14.83 10.52 -0.23
CA GLY A 267 16.20 10.89 -0.54
C GLY A 267 16.42 12.38 -0.46
N VAL A 268 15.46 13.15 -0.95
CA VAL A 268 15.55 14.60 -0.87
C VAL A 268 15.59 15.05 0.59
N MET A 269 14.72 14.46 1.43
CA MET A 269 14.72 14.77 2.86
CA MET A 269 14.73 14.78 2.85
C MET A 269 16.08 14.47 3.49
N ILE A 270 16.62 13.27 3.20
CA ILE A 270 17.92 12.86 3.75
C ILE A 270 18.99 13.88 3.42
N MET A 271 19.06 14.27 2.14
CA MET A 271 20.11 15.19 1.70
C MET A 271 19.90 16.58 2.28
N THR A 272 18.65 16.99 2.49
CA THR A 272 18.39 18.33 2.96
C THR A 272 18.80 18.49 4.41
N HIS A 273 18.47 17.52 5.27
CA HIS A 273 18.66 17.73 6.70
C HIS A 273 19.88 17.04 7.29
N GLY A 274 20.52 16.10 6.58
CA GLY A 274 21.63 15.37 7.16
C GLY A 274 22.81 16.27 7.51
N ASP A 275 23.66 15.77 8.39
CA ASP A 275 24.86 16.50 8.80
C ASP A 275 26.02 15.53 8.89
N ASP A 276 27.16 15.99 9.42
CA ASP A 276 28.33 15.12 9.50
C ASP A 276 28.12 13.92 10.41
N LYS A 277 27.20 14.01 11.39
CA LYS A 277 26.96 12.87 12.28
C LYS A 277 25.99 11.85 11.68
N GLY A 278 25.30 12.20 10.60
CA GLY A 278 24.36 11.29 9.97
C GLY A 278 23.05 11.94 9.63
N LEU A 279 21.97 11.17 9.71
CA LEU A 279 20.65 11.65 9.38
C LEU A 279 20.11 12.56 10.46
N VAL A 280 19.17 13.42 10.06
CA VAL A 280 18.30 14.17 10.96
C VAL A 280 16.89 14.03 10.40
N ILE A 281 16.01 13.36 11.14
CA ILE A 281 14.67 13.07 10.64
C ILE A 281 13.69 14.06 11.25
N PRO A 282 12.92 14.79 10.44
CA PRO A 282 11.91 15.71 10.99
C PRO A 282 10.93 14.95 11.89
N PRO A 283 10.57 15.54 13.04
CA PRO A 283 9.67 14.84 13.98
C PRO A 283 8.35 14.40 13.37
N ARG A 284 7.82 15.11 12.38
CA ARG A 284 6.53 14.72 11.83
C ARG A 284 6.56 13.38 11.09
N VAL A 285 7.72 12.90 10.66
CA VAL A 285 7.79 11.64 9.93
C VAL A 285 8.67 10.58 10.60
N ALA A 286 9.36 10.90 11.69
CA ALA A 286 10.31 9.96 12.28
C ALA A 286 9.61 8.73 12.86
N SER A 287 10.13 7.53 12.55
CA SER A 287 9.61 6.29 13.13
C SER A 287 9.60 6.36 14.65
N VAL A 288 10.70 6.82 15.24
CA VAL A 288 10.82 7.08 16.66
C VAL A 288 11.08 8.58 16.82
N GLN A 289 10.25 9.25 17.61
CA GLN A 289 10.47 10.66 17.88
C GLN A 289 11.36 10.89 19.09
N VAL A 290 11.22 10.07 20.13
CA VAL A 290 12.03 10.17 21.33
C VAL A 290 12.57 8.80 21.63
N VAL A 291 13.90 8.69 21.71
CA VAL A 291 14.53 7.48 22.18
C VAL A 291 14.92 7.68 23.64
N ILE A 292 14.48 6.76 24.48
CA ILE A 292 14.85 6.77 25.90
C ILE A 292 16.04 5.84 26.06
N ILE A 293 17.13 6.38 26.58
CA ILE A 293 18.35 5.62 26.76
C ILE A 293 18.63 5.53 28.26
N PRO A 294 18.42 4.37 28.88
CA PRO A 294 18.78 4.20 30.28
C PRO A 294 20.29 4.17 30.40
N ILE A 295 20.84 4.91 31.35
CA ILE A 295 22.30 4.96 31.53
C ILE A 295 22.66 3.81 32.48
N LEU A 296 22.74 2.64 31.86
CA LEU A 296 23.09 1.40 32.54
C LEU A 296 24.34 0.82 31.89
N GLU A 300 23.90 -4.52 35.58
CA GLU A 300 23.45 -3.85 36.79
C GLU A 300 21.99 -3.40 36.69
N ASN A 301 21.12 -4.31 36.27
CA ASN A 301 19.71 -4.02 36.11
C ASN A 301 18.91 -4.31 37.36
N THR A 302 18.95 -3.39 38.32
CA THR A 302 18.19 -3.53 39.54
C THR A 302 16.70 -3.48 39.23
N GLY A 303 16.34 -2.59 38.30
CA GLY A 303 14.97 -2.41 37.88
C GLY A 303 14.51 -1.00 38.13
N GLU A 304 15.30 -0.24 38.88
CA GLU A 304 14.92 1.14 39.19
C GLU A 304 14.88 1.98 37.92
N ILE A 305 16.00 2.03 37.23
CA ILE A 305 16.11 2.83 36.02
C ILE A 305 15.10 2.43 34.94
N LEU A 306 15.01 1.14 34.65
CA LEU A 306 14.12 0.73 33.57
C LEU A 306 12.65 0.81 33.96
N GLY A 307 12.34 0.62 35.25
CA GLY A 307 11.00 0.91 35.73
C GLY A 307 10.58 2.34 35.43
N LYS A 308 11.44 3.30 35.79
CA LYS A 308 11.11 4.70 35.50
C LYS A 308 11.02 4.96 34.00
N CYS A 309 11.90 4.34 33.20
CA CYS A 309 11.81 4.51 31.75
C CYS A 309 10.49 4.02 31.19
N ARG A 310 10.03 2.85 31.63
CA ARG A 310 8.76 2.33 31.14
C ARG A 310 7.61 3.23 31.56
N GLU A 311 7.67 3.78 32.78
CA GLU A 311 6.65 4.74 33.20
C GLU A 311 6.66 5.99 32.31
N LEU A 312 7.85 6.50 32.01
CA LEU A 312 7.95 7.67 31.13
C LEU A 312 7.44 7.37 29.73
N LYS A 313 7.75 6.18 29.20
CA LYS A 313 7.28 5.83 27.87
C LYS A 313 5.76 5.76 27.83
N THR A 314 5.15 5.14 28.84
CA THR A 314 3.70 5.12 28.94
C THR A 314 3.12 6.54 28.92
N MET A 315 3.69 7.40 29.78
CA MET A 315 3.21 8.77 29.88
C MET A 315 3.31 9.49 28.54
N LEU A 316 4.47 9.40 27.88
CA LEU A 316 4.65 10.10 26.62
C LEU A 316 3.76 9.54 25.52
N GLU A 317 3.53 8.23 25.53
CA GLU A 317 2.67 7.65 24.51
C GLU A 317 1.23 8.11 24.67
N LYS A 318 0.83 8.47 25.89
CA LYS A 318 -0.49 9.08 26.05
C LYS A 318 -0.58 10.44 25.36
N ALA A 319 0.54 11.14 25.17
CA ALA A 319 0.59 12.35 24.35
C ALA A 319 0.85 12.06 22.88
N ASP A 320 0.68 10.81 22.46
CA ASP A 320 0.88 10.37 21.07
C ASP A 320 2.30 10.63 20.54
N ILE A 321 3.27 10.60 21.42
CA ILE A 321 4.67 10.67 21.03
C ILE A 321 5.15 9.25 20.76
N ARG A 322 5.90 9.07 19.68
CA ARG A 322 6.43 7.76 19.27
C ARG A 322 7.75 7.54 20.00
N VAL A 323 7.76 6.59 20.94
CA VAL A 323 8.85 6.44 21.90
C VAL A 323 9.44 5.05 21.75
N ARG A 324 10.75 4.94 21.85
CA ARG A 324 11.38 3.64 22.01
C ARG A 324 12.37 3.69 23.15
N ILE A 325 12.33 2.69 24.04
CA ILE A 325 13.35 2.53 25.06
C ILE A 325 14.42 1.60 24.48
N ASP A 326 15.66 2.08 24.42
CA ASP A 326 16.74 1.20 23.95
C ASP A 326 17.34 0.52 25.18
N ASP A 327 16.82 -0.68 25.49
CA ASP A 327 17.35 -1.46 26.59
C ASP A 327 18.20 -2.64 26.12
N ARG A 328 18.78 -2.56 24.93
CA ARG A 328 19.63 -3.64 24.44
C ARG A 328 20.85 -3.80 25.31
N SER A 329 21.24 -5.06 25.56
CA SER A 329 22.36 -5.34 26.44
C SER A 329 23.69 -5.11 25.72
N ASN A 330 24.74 -5.01 26.52
CA ASN A 330 26.13 -5.06 26.06
C ASN A 330 26.51 -3.89 25.15
N TYR A 331 25.71 -2.83 25.15
CA TYR A 331 26.07 -1.59 24.48
C TYR A 331 26.17 -0.51 25.54
N THR A 332 27.23 0.28 25.48
CA THR A 332 27.36 1.39 26.41
C THR A 332 26.38 2.51 26.06
N PRO A 333 26.05 3.35 27.04
CA PRO A 333 25.21 4.53 26.74
C PRO A 333 25.73 5.35 25.58
N GLY A 334 27.03 5.64 25.54
CA GLY A 334 27.56 6.43 24.44
C GLY A 334 27.41 5.74 23.09
N TRP A 335 27.56 4.42 23.08
CA TRP A 335 27.29 3.67 21.85
C TRP A 335 25.85 3.90 21.41
N LYS A 336 24.91 3.79 22.34
CA LYS A 336 23.51 4.03 21.99
C LYS A 336 23.28 5.46 21.51
N TYR A 337 23.94 6.43 22.15
CA TYR A 337 23.79 7.83 21.74
C TYR A 337 24.19 8.00 20.29
N ASN A 338 25.37 7.49 19.92
CA ASN A 338 25.81 7.63 18.54
C ASN A 338 24.92 6.85 17.58
N HIS A 339 24.49 5.65 17.98
CA HIS A 339 23.61 4.85 17.13
C HIS A 339 22.35 5.64 16.74
N TRP A 340 21.68 6.21 17.73
CA TRP A 340 20.43 6.92 17.44
C TRP A 340 20.69 8.29 16.80
N GLU A 341 21.85 8.89 17.06
CA GLU A 341 22.22 10.10 16.32
C GLU A 341 22.39 9.81 14.82
N VAL A 342 23.09 8.71 14.49
CA VAL A 342 23.25 8.35 13.08
C VAL A 342 21.89 8.11 12.44
N LYS A 343 20.97 7.48 13.17
CA LYS A 343 19.63 7.27 12.63
C LYS A 343 18.81 8.54 12.53
N GLY A 344 19.18 9.57 13.26
CA GLY A 344 18.49 10.83 13.15
C GLY A 344 17.27 11.00 14.02
N VAL A 345 17.12 10.20 15.09
CA VAL A 345 15.99 10.43 16.00
C VAL A 345 16.05 11.86 16.50
N PRO A 346 14.96 12.62 16.46
CA PRO A 346 15.07 14.05 16.76
C PRO A 346 15.34 14.36 18.22
N LEU A 347 14.95 13.49 19.16
CA LEU A 347 15.17 13.76 20.57
C LEU A 347 15.67 12.50 21.27
N ARG A 348 16.67 12.69 22.13
CA ARG A 348 17.15 11.63 23.00
C ARG A 348 16.83 12.01 24.44
N LEU A 349 16.28 11.06 25.20
CA LEU A 349 15.99 11.26 26.61
C LEU A 349 16.90 10.33 27.40
N GLU A 350 17.76 10.93 28.22
CA GLU A 350 18.72 10.22 29.05
C GLU A 350 18.20 10.16 30.49
N LEU A 351 18.19 8.94 31.04
CA LEU A 351 17.77 8.68 32.42
C LEU A 351 18.81 7.78 33.09
N GLY A 352 19.62 8.37 33.96
CA GLY A 352 20.56 7.62 34.76
C GLY A 352 20.31 7.80 36.24
N PRO A 353 21.22 7.29 37.06
CA PRO A 353 21.01 7.39 38.52
C PRO A 353 20.86 8.81 39.04
N LYS A 354 21.67 9.76 38.55
CA LYS A 354 21.54 11.13 39.05
C LYS A 354 20.20 11.72 38.64
N ASP A 355 19.77 11.46 37.40
CA ASP A 355 18.45 11.87 36.95
C ASP A 355 17.37 11.30 37.85
N LEU A 356 17.45 10.00 38.15
CA LEU A 356 16.47 9.37 39.03
C LEU A 356 16.44 10.04 40.40
N ALA A 357 17.61 10.36 40.95
CA ALA A 357 17.66 10.99 42.27
C ALA A 357 17.05 12.38 42.25
N LYS A 358 17.14 13.10 41.12
CA LYS A 358 16.63 14.47 41.05
C LYS A 358 15.20 14.56 40.54
N GLY A 359 14.64 13.49 39.96
CA GLY A 359 13.31 13.55 39.37
C GLY A 359 13.24 14.22 38.02
N THR A 360 14.36 14.31 37.32
CA THR A 360 14.44 14.99 36.04
C THR A 360 14.88 14.00 34.96
N ALA A 361 15.02 14.52 33.74
CA ALA A 361 15.65 13.78 32.67
C ALA A 361 16.40 14.78 31.81
N ARG A 362 17.40 14.28 31.09
CA ARG A 362 18.17 15.15 30.21
C ARG A 362 17.78 14.86 28.78
N VAL A 363 17.29 15.88 28.08
CA VAL A 363 16.78 15.73 26.72
C VAL A 363 17.71 16.47 25.78
N VAL A 364 18.15 15.80 24.72
CA VAL A 364 19.10 16.37 23.76
C VAL A 364 18.46 16.34 22.39
N ARG A 365 18.41 17.51 21.73
CA ARG A 365 17.84 17.59 20.40
C ARG A 365 18.90 17.37 19.33
N ARG A 366 18.50 16.64 18.29
CA ARG A 366 19.47 16.12 17.33
C ARG A 366 19.98 17.21 16.39
N ASP A 367 19.12 18.18 16.06
CA ASP A 367 19.49 19.15 15.04
C ASP A 367 20.59 20.09 15.52
N THR A 368 20.53 20.54 16.77
CA THR A 368 21.50 21.49 17.31
C THR A 368 22.39 20.92 18.39
N GLY A 369 22.01 19.79 18.99
CA GLY A 369 22.73 19.27 20.13
C GLY A 369 22.43 19.94 21.45
N GLU A 370 21.50 20.87 21.50
CA GLU A 370 21.19 21.56 22.75
C GLU A 370 20.54 20.58 23.73
N ALA A 371 20.94 20.67 25.00
CA ALA A 371 20.44 19.82 26.06
C ALA A 371 19.57 20.62 27.03
N TYR A 372 18.56 19.94 27.57
CA TYR A 372 17.59 20.52 28.47
C TYR A 372 17.41 19.60 29.67
N GLN A 373 17.37 20.19 30.86
CA GLN A 373 17.01 19.45 32.06
C GLN A 373 15.52 19.67 32.32
N ILE A 374 14.73 18.60 32.27
CA ILE A 374 13.28 18.72 32.33
C ILE A 374 12.75 17.82 33.44
N SER A 375 11.94 18.39 34.32
CA SER A 375 11.28 17.60 35.34
C SER A 375 10.32 16.61 34.70
N TRP A 376 10.10 15.48 35.38
CA TRP A 376 9.26 14.43 34.82
C TRP A 376 7.86 14.94 34.49
N ALA A 377 7.34 15.85 35.31
CA ALA A 377 6.01 16.39 35.08
C ALA A 377 5.94 17.20 33.79
N ASP A 378 6.94 18.05 33.55
CA ASP A 378 6.97 18.92 32.37
C ASP A 378 7.30 18.16 31.07
N LEU A 379 7.48 16.84 31.14
CA LEU A 379 8.09 16.11 30.03
C LEU A 379 7.23 16.18 28.76
N ALA A 380 6.00 15.69 28.83
CA ALA A 380 5.19 15.61 27.62
C ALA A 380 4.97 16.97 26.95
N PRO A 381 4.52 18.02 27.64
CA PRO A 381 4.37 19.32 26.97
C PRO A 381 5.69 19.89 26.46
N LYS A 382 6.76 19.80 27.25
CA LYS A 382 8.04 20.33 26.80
C LYS A 382 8.53 19.60 25.55
N LEU A 383 8.29 18.28 25.45
CA LEU A 383 8.78 17.53 24.30
C LEU A 383 7.94 17.80 23.07
N LEU A 384 6.62 17.95 23.23
CA LEU A 384 5.80 18.39 22.10
C LEU A 384 6.30 19.74 21.57
N GLU A 385 6.56 20.69 22.48
CA GLU A 385 7.06 22.00 22.08
C GLU A 385 8.38 21.89 21.35
N LEU A 386 9.31 21.10 21.89
CA LEU A 386 10.61 20.95 21.26
C LEU A 386 10.50 20.34 19.88
N MET A 387 9.60 19.36 19.70
CA MET A 387 9.44 18.75 18.38
C MET A 387 8.90 19.76 17.38
N GLU A 388 7.95 20.60 17.80
CA GLU A 388 7.47 21.66 16.92
C GLU A 388 8.60 22.62 16.54
N GLY A 389 9.46 22.95 17.53
CA GLY A 389 10.58 23.83 17.26
C GLY A 389 11.60 23.22 16.30
N ILE A 390 11.89 21.92 16.47
CA ILE A 390 12.83 21.24 15.58
C ILE A 390 12.29 21.21 14.16
N GLN A 391 11.03 20.82 14.01
CA GLN A 391 10.43 20.75 12.67
C GLN A 391 10.52 22.11 11.98
N ARG A 392 10.14 23.17 12.70
CA ARG A 392 10.16 24.48 12.06
C ARG A 392 11.58 24.96 11.78
N SER A 393 12.53 24.68 12.68
CA SER A 393 13.90 25.13 12.47
C SER A 393 14.55 24.40 11.29
N LEU A 394 14.31 23.09 11.16
CA LEU A 394 14.79 22.35 9.99
C LEU A 394 14.28 23.00 8.71
N PHE A 395 12.97 23.28 8.65
CA PHE A 395 12.43 23.91 7.45
C PHE A 395 13.06 25.27 7.20
N GLU A 396 13.14 26.12 8.23
CA GLU A 396 13.60 27.48 8.01
C GLU A 396 15.06 27.53 7.57
N LYS A 397 15.90 26.66 8.14
CA LYS A 397 17.30 26.64 7.74
C LYS A 397 17.45 26.14 6.31
N ALA A 398 16.65 25.13 5.94
CA ALA A 398 16.69 24.64 4.57
C ALA A 398 16.21 25.71 3.59
N LYS A 399 15.17 26.45 3.95
CA LYS A 399 14.67 27.50 3.08
C LYS A 399 15.70 28.61 2.91
N ALA A 400 16.43 28.94 3.99
CA ALA A 400 17.50 29.91 3.86
C ALA A 400 18.56 29.43 2.89
N ARG A 401 18.93 28.14 2.96
CA ARG A 401 19.93 27.62 2.03
C ARG A 401 19.41 27.63 0.59
N LEU A 402 18.12 27.37 0.41
CA LEU A 402 17.53 27.47 -0.93
C LEU A 402 17.66 28.88 -1.48
N HIS A 403 17.28 29.88 -0.67
CA HIS A 403 17.38 31.26 -1.12
C HIS A 403 18.82 31.64 -1.46
N GLU A 404 19.77 31.23 -0.62
CA GLU A 404 21.17 31.53 -0.89
C GLU A 404 21.70 30.81 -2.12
N GLY A 405 21.05 29.74 -2.55
CA GLY A 405 21.52 29.02 -3.70
C GLY A 405 21.02 29.48 -5.06
N ILE A 406 20.22 30.54 -5.12
CA ILE A 406 19.64 31.01 -6.37
C ILE A 406 20.16 32.41 -6.65
N GLU A 407 20.83 32.58 -7.78
CA GLU A 407 21.36 33.88 -8.20
C GLU A 407 20.50 34.40 -9.33
N LYS A 408 20.09 35.67 -9.23
CA LYS A 408 19.30 36.34 -10.28
C LYS A 408 20.30 36.96 -11.27
N ILE A 409 20.18 36.66 -12.57
CA ILE A 409 21.12 37.11 -13.58
C ILE A 409 20.36 37.78 -14.72
N SER A 410 21.11 38.48 -15.55
CA SER A 410 20.56 39.19 -16.69
CA SER A 410 20.55 39.18 -16.70
C SER A 410 21.14 38.73 -18.02
N THR A 411 22.37 38.23 -18.05
CA THR A 411 23.03 37.88 -19.30
C THR A 411 23.72 36.53 -19.17
N PHE A 412 24.03 35.94 -20.33
CA PHE A 412 24.59 34.60 -20.34
C PHE A 412 25.99 34.53 -19.73
N ASP A 413 26.74 35.63 -19.76
CA ASP A 413 28.09 35.60 -19.21
C ASP A 413 28.12 35.43 -17.69
N GLU A 414 26.98 35.58 -17.00
CA GLU A 414 26.92 35.31 -15.56
C GLU A 414 26.71 33.84 -15.25
N VAL A 415 26.34 33.04 -16.26
CA VAL A 415 25.88 31.67 -16.01
C VAL A 415 27.00 30.80 -15.46
N MET A 416 28.13 30.73 -16.16
CA MET A 416 29.19 29.83 -15.72
C MET A 416 29.76 30.18 -14.35
N PRO A 417 30.01 31.45 -14.00
CA PRO A 417 30.37 31.74 -12.60
C PRO A 417 29.34 31.23 -11.60
N ALA A 418 28.04 31.46 -11.88
CA ALA A 418 27.03 30.95 -10.95
C ALA A 418 27.04 29.43 -10.84
N LEU A 419 27.16 28.72 -11.97
CA LEU A 419 27.20 27.27 -11.92
C LEU A 419 28.44 26.77 -11.18
N ASN A 420 29.55 27.49 -11.30
CA ASN A 420 30.76 27.09 -10.59
C ASN A 420 30.63 27.31 -9.09
N ARG A 421 29.81 28.28 -8.67
CA ARG A 421 29.46 28.44 -7.25
C ARG A 421 28.42 27.42 -6.76
N LYS A 422 28.05 26.45 -7.58
CA LYS A 422 27.04 25.45 -7.23
C LYS A 422 25.69 26.10 -6.93
N HIS A 423 25.32 27.10 -7.72
CA HIS A 423 24.06 27.79 -7.57
C HIS A 423 23.17 27.53 -8.78
N LEU A 424 21.88 27.77 -8.59
CA LEU A 424 20.93 27.89 -9.69
C LEU A 424 20.87 29.35 -10.14
N VAL A 425 20.32 29.57 -11.34
CA VAL A 425 20.13 30.95 -11.82
C VAL A 425 18.66 31.19 -12.13
N LEU A 426 18.21 32.40 -11.83
CA LEU A 426 16.89 32.84 -12.24
C LEU A 426 17.12 33.91 -13.30
N ALA A 427 16.62 33.67 -14.50
CA ALA A 427 16.96 34.50 -15.64
C ALA A 427 15.73 34.80 -16.48
N PRO A 428 15.67 35.99 -17.08
CA PRO A 428 14.55 36.27 -17.99
C PRO A 428 14.76 35.52 -19.30
N TRP A 429 13.70 34.84 -19.77
CA TRP A 429 13.83 33.93 -20.89
C TRP A 429 12.67 34.12 -21.87
N CYS A 430 13.01 34.04 -23.17
CA CYS A 430 12.05 34.09 -24.27
C CYS A 430 11.25 32.80 -24.44
N GLU A 431 11.64 31.71 -23.77
CA GLU A 431 10.92 30.44 -23.76
C GLU A 431 11.00 29.66 -25.07
N ASP A 432 11.93 30.02 -25.97
CA ASP A 432 12.10 29.24 -27.21
C ASP A 432 12.78 27.89 -26.93
N PRO A 433 12.13 26.77 -27.26
CA PRO A 433 12.75 25.44 -27.01
C PRO A 433 14.09 25.24 -27.70
N GLU A 434 14.25 25.80 -28.91
CA GLU A 434 15.55 25.76 -29.56
C GLU A 434 16.61 26.37 -28.67
N SER A 435 16.29 27.48 -28.01
CA SER A 435 17.28 28.11 -27.15
C SER A 435 17.59 27.24 -25.94
N GLU A 436 16.60 26.51 -25.41
CA GLU A 436 16.96 25.62 -24.29
C GLU A 436 17.93 24.53 -24.73
N GLU A 437 17.71 23.96 -25.92
CA GLU A 437 18.67 22.95 -26.38
C GLU A 437 20.05 23.57 -26.61
N GLN A 438 20.08 24.77 -27.17
CA GLN A 438 21.37 25.44 -27.38
C GLN A 438 22.07 25.70 -26.06
N ILE A 439 21.32 26.11 -25.03
CA ILE A 439 21.92 26.43 -23.74
C ILE A 439 22.48 25.18 -23.07
N LYS A 440 21.74 24.07 -23.14
CA LYS A 440 22.25 22.79 -22.63
C LYS A 440 23.57 22.44 -23.30
N LYS A 441 23.63 22.55 -24.63
CA LYS A 441 24.86 22.20 -25.34
C LYS A 441 26.01 23.15 -24.98
N GLU A 442 25.74 24.45 -24.94
CA GLU A 442 26.80 25.41 -24.67
C GLU A 442 27.34 25.27 -23.26
N THR A 443 26.46 25.07 -22.25
CA THR A 443 26.97 24.92 -20.89
C THR A 443 27.70 23.59 -20.71
N GLN A 444 27.22 22.53 -21.37
CA GLN A 444 27.95 21.27 -21.32
C GLN A 444 29.35 21.44 -21.91
N LYS A 445 29.46 22.12 -23.04
CA LYS A 445 30.77 22.27 -23.66
C LYS A 445 31.67 23.21 -22.89
N LEU A 446 31.10 24.27 -22.29
CA LEU A 446 31.91 25.15 -21.46
C LEU A 446 32.42 24.42 -20.22
N SER A 447 31.60 23.54 -19.64
CA SER A 447 32.08 22.74 -18.51
C SER A 447 33.18 21.78 -18.96
N GLU A 448 32.99 21.11 -20.09
CA GLU A 448 34.04 20.26 -20.65
C GLU A 448 35.34 21.04 -20.81
N ILE A 449 35.29 22.14 -21.56
CA ILE A 449 36.48 22.97 -21.83
C ILE A 449 37.13 23.42 -20.53
N GLN A 450 36.31 23.83 -19.55
CA GLN A 450 36.85 24.30 -18.28
C GLN A 450 37.40 23.15 -17.45
N THR A 462 26.47 15.21 -15.53
CA THR A 462 26.79 16.07 -16.67
C THR A 462 26.97 17.51 -16.21
N GLY A 463 27.61 18.31 -17.05
CA GLY A 463 27.76 19.72 -16.79
C GLY A 463 26.69 20.61 -17.40
N ALA A 464 25.74 20.05 -18.13
CA ALA A 464 24.74 20.86 -18.82
C ALA A 464 23.80 21.50 -17.82
N MET A 465 23.48 22.77 -18.08
CA MET A 465 22.43 23.46 -17.35
C MET A 465 21.15 23.36 -18.18
N LYS A 466 20.03 23.08 -17.50
CA LYS A 466 18.76 23.05 -18.19
C LYS A 466 17.73 23.84 -17.39
N THR A 467 16.54 24.04 -17.96
CA THR A 467 15.47 24.61 -17.16
C THR A 467 15.02 23.61 -16.11
N LEU A 468 14.76 24.12 -14.93
CA LEU A 468 14.13 23.37 -13.85
C LEU A 468 12.65 23.65 -13.83
N CYS A 469 12.27 24.92 -13.80
CA CYS A 469 10.86 25.27 -13.97
C CYS A 469 10.78 26.77 -14.23
N ILE A 470 9.63 27.17 -14.74
CA ILE A 470 9.24 28.58 -14.80
C ILE A 470 8.37 28.82 -13.57
N PRO A 471 8.87 29.49 -12.52
CA PRO A 471 8.13 29.53 -11.25
C PRO A 471 6.76 30.19 -11.37
N PHE A 472 5.81 29.68 -10.59
CA PHE A 472 4.51 30.32 -10.48
C PHE A 472 4.66 31.74 -9.95
N ASP A 473 5.54 31.91 -8.97
CA ASP A 473 5.80 33.22 -8.37
C ASP A 473 6.69 33.99 -9.32
N GLN A 474 6.06 34.80 -10.18
CA GLN A 474 6.77 35.62 -11.16
C GLN A 474 6.94 37.03 -10.61
N PRO A 475 8.16 37.48 -10.40
CA PRO A 475 8.42 38.91 -10.24
C PRO A 475 8.07 39.63 -11.52
N PRO A 476 7.87 40.94 -11.47
CA PRO A 476 7.50 41.65 -12.70
C PRO A 476 8.57 41.48 -13.76
N MET A 477 8.13 41.52 -15.03
CA MET A 477 9.04 41.49 -16.17
C MET A 477 9.08 42.89 -16.75
N PRO A 478 10.12 43.67 -16.48
CA PRO A 478 10.14 45.07 -16.95
C PRO A 478 10.03 45.14 -18.47
N GLU A 479 9.20 46.06 -18.94
CA GLU A 479 9.06 46.28 -20.37
C GLU A 479 10.43 46.46 -21.02
N GLY A 480 10.70 45.71 -22.08
CA GLY A 480 11.95 45.79 -22.79
C GLY A 480 13.04 44.83 -22.32
N THR A 481 12.79 44.03 -21.29
CA THR A 481 13.81 43.11 -20.80
C THR A 481 14.14 42.09 -21.86
N LYS A 482 15.43 41.88 -22.11
CA LYS A 482 15.88 40.95 -23.13
C LYS A 482 16.09 39.56 -22.53
N CYS A 483 15.86 38.53 -23.34
CA CYS A 483 16.18 37.18 -22.94
C CYS A 483 17.68 37.09 -22.71
N PHE A 484 18.07 36.42 -21.62
CA PHE A 484 19.47 36.38 -21.20
C PHE A 484 20.36 35.68 -22.21
N TYR A 485 19.80 34.86 -23.09
CA TYR A 485 20.58 34.12 -24.07
C TYR A 485 20.42 34.61 -25.50
N THR A 486 19.18 34.78 -25.96
CA THR A 486 18.90 35.09 -27.37
C THR A 486 18.82 36.59 -27.65
N GLY A 487 18.69 37.43 -26.63
CA GLY A 487 18.47 38.84 -26.87
C GLY A 487 17.11 39.19 -27.40
N LYS A 488 16.24 38.21 -27.60
CA LYS A 488 14.84 38.46 -27.96
C LYS A 488 14.08 38.95 -26.72
N PRO A 489 12.87 39.46 -26.91
CA PRO A 489 12.08 39.89 -25.75
C PRO A 489 11.84 38.74 -24.78
N ALA A 490 12.19 38.97 -23.52
CA ALA A 490 11.96 37.94 -22.52
C ALA A 490 10.47 37.82 -22.22
N LYS A 491 10.04 36.61 -21.88
CA LYS A 491 8.67 36.38 -21.47
C LYS A 491 8.55 36.17 -19.97
N ARG A 492 9.28 35.20 -19.41
CA ARG A 492 9.11 34.91 -17.99
C ARG A 492 10.46 34.68 -17.34
N TRP A 493 10.50 34.88 -16.03
CA TRP A 493 11.67 34.49 -15.26
C TRP A 493 11.68 32.97 -15.12
N THR A 494 12.80 32.36 -15.46
CA THR A 494 12.96 30.91 -15.52
C THR A 494 14.12 30.48 -14.63
N LEU A 495 13.93 29.36 -13.93
CA LEU A 495 14.95 28.82 -13.05
C LEU A 495 15.74 27.77 -13.81
N TRP A 496 17.06 27.89 -13.81
CA TRP A 496 17.95 27.01 -14.54
C TRP A 496 19.01 26.46 -13.60
N GLY A 497 19.51 25.27 -13.92
CA GLY A 497 20.65 24.77 -13.17
C GLY A 497 21.09 23.43 -13.71
N ARG A 498 22.24 22.97 -13.20
CA ARG A 498 22.55 21.56 -13.27
C ARG A 498 21.46 20.78 -12.53
N SER A 499 21.26 19.52 -12.91
CA SER A 499 20.09 18.81 -12.43
CA SER A 499 20.07 18.81 -12.47
C SER A 499 20.36 17.32 -12.34
N TYR A 500 19.43 16.63 -11.69
CA TYR A 500 19.37 15.18 -11.67
C TYR A 500 18.54 14.74 -12.87
N VAL B 4 -28.72 -7.47 -10.46
CA VAL B 4 -28.46 -8.91 -10.57
C VAL B 4 -29.73 -9.68 -10.97
N THR B 5 -29.59 -10.65 -11.87
CA THR B 5 -30.73 -11.46 -12.30
C THR B 5 -30.51 -12.95 -12.03
N ALA B 6 -29.26 -13.40 -12.01
CA ALA B 6 -28.98 -14.79 -11.69
C ALA B 6 -29.26 -15.05 -10.22
N LYS B 7 -29.81 -16.21 -9.91
CA LYS B 7 -30.14 -16.57 -8.54
C LYS B 7 -28.94 -17.26 -7.90
N LYS B 8 -28.61 -16.84 -6.67
CA LYS B 8 -27.44 -17.37 -5.99
C LYS B 8 -27.55 -18.88 -5.79
N ASP B 9 -28.77 -19.38 -5.56
CA ASP B 9 -29.02 -20.80 -5.27
C ASP B 9 -29.22 -21.65 -6.51
N GLU B 10 -29.17 -21.06 -7.71
CA GLU B 10 -29.37 -21.80 -8.95
C GLU B 10 -28.09 -21.89 -9.77
N ASN B 11 -27.55 -20.76 -10.20
CA ASN B 11 -26.32 -20.72 -10.98
C ASN B 11 -25.33 -19.85 -10.21
N PHE B 12 -24.59 -20.49 -9.30
CA PHE B 12 -23.77 -19.76 -8.35
C PHE B 12 -22.63 -19.00 -9.03
N SER B 13 -21.98 -19.61 -10.03
CA SER B 13 -20.86 -18.92 -10.67
C SER B 13 -21.31 -17.71 -11.48
N GLU B 14 -22.33 -17.85 -12.11
CA GLU B 14 -22.94 -16.72 -12.83
C GLU B 14 -23.47 -15.67 -11.87
N TRP B 15 -24.05 -16.01 -10.81
CA TRP B 15 -24.44 -15.05 -9.78
C TRP B 15 -23.23 -14.27 -9.28
N TYR B 16 -22.13 -14.98 -9.02
CA TYR B 16 -20.93 -14.34 -8.49
C TYR B 16 -20.39 -13.31 -9.48
N THR B 17 -20.31 -13.70 -10.76
CA THR B 17 -19.82 -12.77 -11.77
C THR B 17 -20.70 -11.54 -11.88
N GLN B 18 -22.03 -11.75 -11.92
CA GLN B 18 -22.93 -10.59 -11.96
C GLN B 18 -22.76 -9.71 -10.74
N ALA B 19 -22.62 -10.31 -9.55
CA ALA B 19 -22.54 -9.52 -8.33
C ALA B 19 -21.32 -8.62 -8.34
N ILE B 20 -20.17 -9.18 -8.72
CA ILE B 20 -18.94 -8.39 -8.64
C ILE B 20 -18.83 -7.38 -9.80
N VAL B 21 -19.47 -7.65 -10.94
CA VAL B 21 -19.42 -6.69 -12.04
C VAL B 21 -20.42 -5.57 -11.81
N ARG B 22 -21.68 -5.92 -11.49
CA ARG B 22 -22.71 -4.91 -11.38
C ARG B 22 -22.57 -4.05 -10.13
N SER B 23 -21.86 -4.53 -9.11
CA SER B 23 -21.52 -3.68 -7.97
C SER B 23 -20.30 -2.80 -8.22
N GLU B 24 -19.69 -2.90 -9.40
CA GLU B 24 -18.51 -2.11 -9.74
C GLU B 24 -17.30 -2.45 -8.87
N MET B 25 -17.16 -3.74 -8.52
CA MET B 25 -15.99 -4.15 -7.77
CA MET B 25 -16.00 -4.18 -7.77
C MET B 25 -14.81 -4.48 -8.66
N ILE B 26 -15.05 -5.08 -9.84
CA ILE B 26 -13.97 -5.50 -10.71
C ILE B 26 -14.21 -4.99 -12.13
N GLU B 27 -13.11 -4.87 -12.87
CA GLU B 27 -13.18 -4.68 -14.31
C GLU B 27 -12.30 -5.74 -14.97
N TYR B 28 -12.72 -6.18 -16.14
CA TYR B 28 -11.93 -7.17 -16.86
C TYR B 28 -10.71 -6.53 -17.51
N TYR B 29 -9.80 -7.39 -17.95
CA TYR B 29 -8.52 -6.95 -18.46
C TYR B 29 -8.06 -7.96 -19.50
N ASP B 30 -7.27 -7.51 -20.47
CA ASP B 30 -6.95 -8.36 -21.61
C ASP B 30 -5.95 -9.47 -21.27
N ILE B 31 -5.15 -9.30 -20.23
CA ILE B 31 -4.21 -10.34 -19.81
C ILE B 31 -4.96 -11.28 -18.88
N SER B 32 -5.08 -12.55 -19.29
CA SER B 32 -5.85 -13.53 -18.56
C SER B 32 -5.32 -13.71 -17.14
N GLY B 33 -6.25 -13.80 -16.19
CA GLY B 33 -5.92 -14.06 -14.81
C GLY B 33 -5.64 -12.82 -13.98
N CYS B 34 -5.71 -11.63 -14.57
CA CYS B 34 -5.55 -10.37 -13.87
C CYS B 34 -6.83 -9.55 -14.02
N TYR B 35 -7.24 -8.90 -12.94
CA TYR B 35 -8.46 -8.12 -12.96
C TYR B 35 -8.17 -6.77 -12.34
N ILE B 36 -8.91 -5.76 -12.76
CA ILE B 36 -8.80 -4.45 -12.14
C ILE B 36 -9.66 -4.43 -10.89
N MET B 37 -9.10 -3.93 -9.78
CA MET B 37 -9.83 -3.74 -8.53
C MET B 37 -10.32 -2.29 -8.51
N ARG B 38 -11.60 -2.12 -8.73
CA ARG B 38 -12.22 -0.81 -8.77
C ARG B 38 -12.36 -0.27 -7.36
N PRO B 39 -12.60 1.04 -7.23
CA PRO B 39 -12.71 1.66 -5.91
C PRO B 39 -13.68 1.00 -4.93
N TRP B 40 -14.85 0.55 -5.39
CA TRP B 40 -15.80 -0.06 -4.46
C TRP B 40 -15.19 -1.26 -3.74
N ALA B 41 -14.41 -2.08 -4.45
CA ALA B 41 -13.72 -3.19 -3.80
C ALA B 41 -12.53 -2.71 -2.97
N PHE B 42 -11.81 -1.73 -3.51
CA PHE B 42 -10.60 -1.29 -2.83
C PHE B 42 -10.92 -0.68 -1.47
N HIS B 43 -12.10 -0.08 -1.32
CA HIS B 43 -12.53 0.49 -0.02
C HIS B 43 -12.54 -0.59 1.08
N ILE B 44 -13.08 -1.75 0.74
CA ILE B 44 -13.12 -2.86 1.71
C ILE B 44 -11.71 -3.32 2.05
N TRP B 45 -10.89 -3.48 1.01
CA TRP B 45 -9.49 -3.84 1.25
C TRP B 45 -8.81 -2.85 2.19
N GLU B 46 -9.02 -1.55 1.98
CA GLU B 46 -8.42 -0.55 2.85
C GLU B 46 -8.85 -0.73 4.30
N LYS B 47 -10.12 -1.10 4.52
CA LYS B 47 -10.60 -1.31 5.89
C LYS B 47 -9.90 -2.50 6.56
N VAL B 48 -9.81 -3.62 5.85
CA VAL B 48 -9.19 -4.78 6.51
C VAL B 48 -7.68 -4.59 6.62
N GLN B 49 -7.07 -3.92 5.65
CA GLN B 49 -5.64 -3.61 5.74
C GLN B 49 -5.36 -2.75 6.96
N ARG B 50 -6.19 -1.74 7.20
CA ARG B 50 -5.97 -0.87 8.35
C ARG B 50 -6.12 -1.64 9.65
N PHE B 51 -7.16 -2.47 9.75
CA PHE B 51 -7.31 -3.29 10.96
C PHE B 51 -6.06 -4.13 11.22
N PHE B 52 -5.64 -4.90 10.20
CA PHE B 52 -4.54 -5.83 10.41
C PHE B 52 -3.24 -5.10 10.66
N ASP B 53 -2.99 -4.02 9.91
CA ASP B 53 -1.76 -3.29 10.09
C ASP B 53 -1.66 -2.67 11.49
N ASP B 54 -2.77 -2.09 11.98
CA ASP B 54 -2.79 -1.57 13.33
C ASP B 54 -2.45 -2.67 14.35
N GLU B 55 -3.04 -3.87 14.18
CA GLU B 55 -2.82 -4.93 15.16
C GLU B 55 -1.38 -5.47 15.13
N ILE B 56 -0.83 -5.65 13.93
CA ILE B 56 0.54 -6.18 13.90
C ILE B 56 1.53 -5.15 14.40
N LYS B 57 1.23 -3.86 14.20
CA LYS B 57 2.06 -2.82 14.80
C LYS B 57 2.03 -2.91 16.32
N LYS B 58 0.86 -3.21 16.90
CA LYS B 58 0.80 -3.41 18.35
C LYS B 58 1.72 -4.55 18.79
N MET B 59 1.89 -5.56 17.93
CA MET B 59 2.83 -6.65 18.24
C MET B 59 4.29 -6.32 17.99
N GLY B 60 4.64 -5.13 17.51
CA GLY B 60 6.02 -4.83 17.19
C GLY B 60 6.49 -5.21 15.79
N VAL B 61 5.58 -5.61 14.90
CA VAL B 61 5.95 -5.89 13.51
C VAL B 61 6.07 -4.57 12.77
N GLU B 62 7.17 -4.41 12.02
CA GLU B 62 7.40 -3.18 11.26
C GLU B 62 7.26 -3.46 9.77
N ASN B 63 6.68 -2.51 9.02
CA ASN B 63 6.55 -2.64 7.58
C ASN B 63 7.85 -2.29 6.87
N SER B 64 8.02 -2.86 5.68
CA SER B 64 9.23 -2.73 4.88
C SER B 64 8.81 -2.91 3.43
N TYR B 65 9.79 -2.81 2.53
CA TYR B 65 9.50 -3.09 1.13
C TYR B 65 10.71 -3.69 0.45
N PHE B 66 10.57 -4.92 -0.03
CA PHE B 66 11.63 -5.63 -0.73
C PHE B 66 11.32 -5.66 -2.22
N PRO B 67 12.33 -5.87 -3.06
CA PRO B 67 12.12 -5.79 -4.51
C PRO B 67 11.15 -6.85 -5.04
N MET B 68 10.55 -6.52 -6.17
CA MET B 68 9.61 -7.43 -6.81
C MET B 68 10.32 -8.50 -7.63
N PHE B 69 11.63 -8.39 -7.81
CA PHE B 69 12.39 -9.27 -8.70
C PHE B 69 13.32 -10.16 -7.88
N VAL B 70 13.51 -11.38 -8.35
CA VAL B 70 14.46 -12.29 -7.73
C VAL B 70 15.27 -12.97 -8.82
N SER B 71 16.59 -12.99 -8.66
CA SER B 71 17.46 -13.59 -9.66
CA SER B 71 17.48 -13.60 -9.64
C SER B 71 17.19 -15.09 -9.76
N ARG B 72 17.42 -15.63 -10.97
CA ARG B 72 17.20 -17.05 -11.19
C ARG B 72 17.94 -17.90 -10.16
N HIS B 73 19.21 -17.58 -9.91
CA HIS B 73 20.01 -18.41 -9.01
C HIS B 73 19.56 -18.26 -7.56
N LYS B 74 18.98 -17.11 -7.18
CA LYS B 74 18.45 -16.99 -5.82
C LYS B 74 17.08 -17.64 -5.68
N LEU B 75 16.25 -17.58 -6.72
CA LEU B 75 14.95 -18.25 -6.65
C LEU B 75 15.11 -19.77 -6.64
N GLU B 76 15.96 -20.31 -7.51
CA GLU B 76 16.12 -21.75 -7.66
C GLU B 76 17.21 -22.31 -6.75
N LYS B 77 17.58 -21.59 -5.69
CA LYS B 77 18.54 -22.09 -4.72
C LYS B 77 18.01 -23.33 -4.00
N GLY B 84 16.52 -29.21 -15.03
CA GLY B 84 15.35 -29.19 -14.18
C GLY B 84 14.22 -28.36 -14.77
N PHE B 85 13.06 -28.43 -14.15
CA PHE B 85 11.91 -27.68 -14.62
C PHE B 85 11.65 -26.52 -13.68
N SER B 86 11.48 -25.35 -14.27
CA SER B 86 11.23 -24.14 -13.55
C SER B 86 9.84 -24.18 -12.92
N PRO B 87 9.63 -23.38 -11.83
CA PRO B 87 8.32 -23.17 -11.19
C PRO B 87 7.44 -22.29 -12.07
N GLU B 88 6.18 -22.13 -11.66
CA GLU B 88 5.18 -21.38 -12.41
C GLU B 88 5.32 -19.88 -12.21
N VAL B 89 6.51 -19.34 -12.40
CA VAL B 89 6.74 -17.92 -12.19
C VAL B 89 6.83 -17.23 -13.52
N ALA B 90 6.58 -15.92 -13.48
CA ALA B 90 6.77 -15.05 -14.62
C ALA B 90 8.23 -14.62 -14.67
N TRP B 91 8.87 -14.83 -15.82
CA TRP B 91 10.30 -14.53 -16.03
C TRP B 91 10.46 -13.28 -16.88
N VAL B 92 11.18 -12.31 -16.35
CA VAL B 92 11.64 -11.15 -17.12
C VAL B 92 12.95 -11.56 -17.77
N THR B 93 13.01 -11.42 -19.10
CA THR B 93 14.18 -11.87 -19.84
C THR B 93 14.84 -10.75 -20.63
N HIS B 94 14.18 -9.60 -20.80
CA HIS B 94 14.69 -8.53 -21.63
C HIS B 94 14.40 -7.19 -20.97
N TYR B 95 15.31 -6.25 -21.15
CA TYR B 95 15.05 -4.85 -20.91
C TYR B 95 15.10 -4.17 -22.26
N GLY B 96 14.00 -3.54 -22.65
CA GLY B 96 13.88 -3.13 -24.04
C GLY B 96 14.06 -4.33 -24.96
N ASP B 97 14.94 -4.19 -25.95
CA ASP B 97 15.25 -5.27 -26.88
C ASP B 97 16.44 -6.12 -26.44
N SER B 98 17.06 -5.79 -25.30
CA SER B 98 18.30 -6.47 -24.96
C SER B 98 18.04 -7.58 -23.98
N PRO B 99 18.67 -8.74 -24.14
CA PRO B 99 18.46 -9.83 -23.19
C PRO B 99 19.20 -9.56 -21.90
N LEU B 100 18.56 -9.88 -20.78
CA LEU B 100 19.27 -9.84 -19.51
C LEU B 100 20.33 -10.94 -19.50
N PRO B 101 21.50 -10.67 -18.92
CA PRO B 101 22.50 -11.74 -18.79
C PRO B 101 21.98 -12.94 -18.01
N GLU B 102 21.13 -12.70 -17.02
CA GLU B 102 20.46 -13.75 -16.28
C GLU B 102 19.01 -13.32 -16.10
N LYS B 103 18.08 -14.20 -16.45
CA LYS B 103 16.68 -13.86 -16.30
C LYS B 103 16.31 -13.71 -14.82
N ILE B 104 15.27 -12.92 -14.56
CA ILE B 104 14.83 -12.64 -13.20
C ILE B 104 13.34 -12.89 -13.10
N ALA B 105 12.90 -13.39 -11.94
CA ALA B 105 11.49 -13.72 -11.78
C ALA B 105 10.74 -12.64 -11.00
N ILE B 106 9.45 -12.51 -11.30
CA ILE B 106 8.57 -11.72 -10.45
CA ILE B 106 8.58 -11.72 -10.44
C ILE B 106 8.23 -12.55 -9.22
N ARG B 107 8.25 -11.92 -8.06
CA ARG B 107 8.07 -12.65 -6.81
C ARG B 107 6.75 -13.41 -6.80
N PRO B 108 6.75 -14.71 -6.48
CA PRO B 108 5.52 -15.41 -6.12
C PRO B 108 5.28 -15.39 -4.62
N THR B 109 6.30 -14.96 -3.87
CA THR B 109 6.39 -14.90 -2.42
C THR B 109 7.84 -14.48 -2.16
N SER B 110 8.19 -13.98 -0.98
CA SER B 110 9.46 -13.27 -0.87
C SER B 110 10.52 -13.95 -0.01
N GLU B 111 10.37 -15.23 0.33
CA GLU B 111 11.38 -15.89 1.16
C GLU B 111 12.78 -15.76 0.57
N THR B 112 12.93 -16.00 -0.74
CA THR B 112 14.25 -16.01 -1.37
C THR B 112 14.80 -14.61 -1.55
N ILE B 113 13.96 -13.60 -1.39
CA ILE B 113 14.37 -12.20 -1.47
C ILE B 113 14.77 -11.68 -0.10
N MET B 114 14.02 -12.06 0.93
CA MET B 114 14.22 -11.50 2.27
C MET B 114 15.26 -12.26 3.08
N TYR B 115 15.30 -13.59 2.98
CA TYR B 115 16.11 -14.33 3.95
C TYR B 115 17.62 -14.12 3.82
N PRO B 116 18.18 -13.86 2.63
CA PRO B 116 19.61 -13.51 2.60
C PRO B 116 19.90 -12.22 3.36
N ALA B 117 18.97 -11.27 3.30
CA ALA B 117 19.08 -10.07 4.13
C ALA B 117 18.97 -10.40 5.61
N TYR B 118 18.03 -11.28 5.99
CA TYR B 118 17.95 -11.68 7.39
C TYR B 118 19.27 -12.26 7.87
N ALA B 119 19.91 -13.06 7.03
CA ALA B 119 21.17 -13.68 7.40
C ALA B 119 22.23 -12.62 7.66
N LYS B 120 22.25 -11.57 6.82
CA LYS B 120 23.19 -10.49 7.04
C LYS B 120 22.86 -9.69 8.31
N TRP B 121 21.57 -9.43 8.56
CA TRP B 121 21.18 -8.49 9.61
C TRP B 121 21.27 -9.11 11.00
N ILE B 122 21.08 -10.43 11.11
CA ILE B 122 21.02 -11.08 12.41
C ILE B 122 22.42 -11.57 12.77
N ARG B 123 22.98 -11.00 13.82
CA ARG B 123 24.28 -11.40 14.30
C ARG B 123 24.25 -11.94 15.72
N SER B 124 23.42 -11.38 16.59
CA SER B 124 23.38 -11.81 17.98
C SER B 124 21.94 -11.77 18.48
N HIS B 125 21.75 -12.28 19.70
CA HIS B 125 20.43 -12.24 20.33
C HIS B 125 19.91 -10.82 20.48
N ARG B 126 20.79 -9.82 20.52
CA ARG B 126 20.38 -8.43 20.59
C ARG B 126 19.57 -8.02 19.36
N ASP B 127 19.70 -8.75 18.27
CA ASP B 127 18.98 -8.46 17.03
C ASP B 127 17.63 -9.16 16.98
N LEU B 128 17.31 -10.00 17.97
CA LEU B 128 16.05 -10.73 17.88
C LEU B 128 15.08 -10.25 18.96
N PRO B 129 13.76 -10.39 18.73
CA PRO B 129 13.20 -10.90 17.48
C PRO B 129 13.19 -9.86 16.36
N LEU B 130 13.26 -10.37 15.13
CA LEU B 130 13.13 -9.54 13.94
C LEU B 130 11.76 -9.81 13.35
N LYS B 131 10.94 -8.77 13.24
CA LYS B 131 9.55 -8.92 12.82
C LYS B 131 9.24 -7.93 11.72
N LEU B 132 9.08 -8.44 10.48
CA LEU B 132 8.84 -7.55 9.35
C LEU B 132 7.59 -8.01 8.60
N ASN B 133 6.95 -7.05 7.96
CA ASN B 133 5.80 -7.31 7.12
C ASN B 133 5.93 -6.45 5.88
N GLN B 134 5.33 -6.91 4.78
CA GLN B 134 5.16 -6.00 3.65
C GLN B 134 3.80 -6.20 2.98
N TRP B 135 3.26 -5.10 2.49
CA TRP B 135 2.06 -5.10 1.65
C TRP B 135 2.53 -4.96 0.21
N CYS B 136 2.14 -5.90 -0.64
CA CYS B 136 2.60 -5.85 -2.04
C CYS B 136 1.68 -6.71 -2.87
N SER B 137 2.07 -6.97 -4.12
CA SER B 137 1.37 -7.96 -4.92
C SER B 137 2.39 -9.02 -5.28
N VAL B 138 1.89 -10.23 -5.53
CA VAL B 138 2.72 -11.32 -6.03
C VAL B 138 2.05 -11.92 -7.24
N VAL B 139 2.82 -12.75 -7.94
CA VAL B 139 2.42 -13.30 -9.22
C VAL B 139 2.66 -14.80 -9.23
N ARG B 140 1.61 -15.56 -9.51
CA ARG B 140 1.71 -17.01 -9.64
C ARG B 140 1.00 -17.37 -10.93
N TRP B 141 1.77 -17.74 -11.95
CA TRP B 141 1.27 -17.80 -13.32
C TRP B 141 0.78 -19.22 -13.63
N GLU B 142 -0.33 -19.57 -13.00
CA GLU B 142 -0.90 -20.91 -13.18
C GLU B 142 -1.71 -20.97 -14.47
N PHE B 143 -1.65 -22.11 -15.14
CA PHE B 143 -2.30 -22.29 -16.44
C PHE B 143 -3.81 -22.51 -16.35
N LYS B 144 -4.37 -22.59 -15.15
CA LYS B 144 -5.76 -22.97 -14.95
C LYS B 144 -6.68 -21.76 -15.00
N GLN B 145 -7.99 -22.04 -15.02
CA GLN B 145 -8.99 -21.00 -15.16
CA GLN B 145 -8.99 -21.00 -15.16
C GLN B 145 -9.02 -20.12 -13.91
N PRO B 146 -8.89 -18.81 -14.05
CA PRO B 146 -8.92 -17.93 -12.87
C PRO B 146 -10.35 -17.64 -12.42
N THR B 147 -10.45 -17.16 -11.18
CA THR B 147 -11.70 -16.67 -10.62
C THR B 147 -11.40 -15.35 -9.92
N PRO B 148 -12.09 -14.27 -10.26
CA PRO B 148 -11.84 -12.98 -9.58
C PRO B 148 -11.86 -13.11 -8.06
N PHE B 149 -10.89 -12.45 -7.43
CA PHE B 149 -10.61 -12.45 -5.99
C PHE B 149 -10.04 -13.77 -5.47
N LEU B 150 -10.61 -14.90 -5.90
CA LEU B 150 -10.31 -16.18 -5.23
C LEU B 150 -9.01 -16.81 -5.71
N ARG B 151 -8.81 -16.87 -7.03
CA ARG B 151 -7.63 -17.51 -7.62
C ARG B 151 -7.23 -16.71 -8.85
N THR B 152 -6.19 -15.88 -8.70
CA THR B 152 -5.78 -14.99 -9.78
C THR B 152 -4.27 -15.04 -9.92
N ARG B 153 -3.78 -14.60 -11.09
CA ARG B 153 -2.35 -14.71 -11.37
C ARG B 153 -1.55 -13.59 -10.71
N GLU B 154 -2.13 -12.42 -10.54
CA GLU B 154 -1.56 -11.38 -9.69
C GLU B 154 -2.55 -11.09 -8.59
N PHE B 155 -2.05 -10.95 -7.37
CA PHE B 155 -2.96 -10.56 -6.29
C PHE B 155 -2.22 -9.76 -5.23
N LEU B 156 -2.98 -8.90 -4.55
CA LEU B 156 -2.48 -8.09 -3.46
C LEU B 156 -2.51 -8.93 -2.19
N TRP B 157 -1.51 -8.75 -1.35
CA TRP B 157 -1.42 -9.47 -0.08
C TRP B 157 -0.47 -8.80 0.86
N GLN B 158 -0.42 -9.32 2.08
CA GLN B 158 0.59 -8.91 3.03
C GLN B 158 1.31 -10.21 3.38
N GLU B 159 2.63 -10.14 3.48
CA GLU B 159 3.39 -11.30 3.92
C GLU B 159 4.24 -10.88 5.09
N GLY B 160 4.12 -11.60 6.20
CA GLY B 160 4.87 -11.34 7.41
C GLY B 160 5.93 -12.41 7.59
N HIS B 161 7.13 -12.01 8.03
CA HIS B 161 8.26 -12.92 8.19
C HIS B 161 8.99 -12.54 9.47
N THR B 162 9.10 -13.49 10.39
CA THR B 162 9.73 -13.20 11.67
C THR B 162 10.81 -14.22 12.00
N ALA B 163 11.75 -13.79 12.82
CA ALA B 163 12.84 -14.62 13.33
C ALA B 163 12.96 -14.42 14.83
N HIS B 164 13.12 -15.54 15.55
CA HIS B 164 13.11 -15.56 17.02
C HIS B 164 14.26 -16.40 17.55
N ALA B 165 14.61 -16.13 18.80
CA ALA B 165 15.64 -16.92 19.46
C ALA B 165 15.17 -18.31 19.87
N THR B 166 13.85 -18.52 20.03
CA THR B 166 13.33 -19.80 20.49
C THR B 166 12.09 -20.21 19.72
N GLU B 167 11.87 -21.52 19.63
CA GLU B 167 10.70 -22.03 18.96
C GLU B 167 9.44 -21.64 19.71
N GLU B 168 9.50 -21.60 21.04
CA GLU B 168 8.33 -21.22 21.82
C GLU B 168 7.85 -19.81 21.46
N GLU B 169 8.78 -18.86 21.36
CA GLU B 169 8.41 -17.51 20.98
C GLU B 169 7.87 -17.46 19.55
N ALA B 170 8.51 -18.21 18.64
CA ALA B 170 8.01 -18.23 17.26
C ALA B 170 6.60 -18.81 17.19
N TRP B 171 6.34 -19.89 17.93
CA TRP B 171 5.03 -20.52 17.91
C TRP B 171 3.96 -19.62 18.51
N GLU B 172 4.33 -18.89 19.57
CA GLU B 172 3.40 -17.95 20.17
C GLU B 172 3.01 -16.91 19.14
N LEU B 173 3.97 -16.44 18.34
CA LEU B 173 3.65 -15.45 17.31
C LEU B 173 2.79 -16.06 16.20
N VAL B 174 3.09 -17.29 15.77
CA VAL B 174 2.24 -17.98 14.79
C VAL B 174 0.78 -17.93 15.23
N LEU B 175 0.54 -18.27 16.50
CA LEU B 175 -0.84 -18.32 16.99
C LEU B 175 -1.45 -16.94 17.15
N ASP B 176 -0.66 -15.94 17.58
CA ASP B 176 -1.17 -14.57 17.68
C ASP B 176 -1.59 -14.05 16.30
N ILE B 177 -0.79 -14.33 15.27
CA ILE B 177 -1.15 -13.92 13.91
C ILE B 177 -2.40 -14.65 13.44
N LEU B 178 -2.48 -15.97 13.69
CA LEU B 178 -3.67 -16.70 13.26
C LEU B 178 -4.92 -16.13 13.91
N GLU B 179 -4.82 -15.71 15.18
CA GLU B 179 -5.95 -15.06 15.83
C GLU B 179 -6.30 -13.74 15.17
N LEU B 180 -5.29 -12.97 14.73
CA LEU B 180 -5.57 -11.77 13.95
C LEU B 180 -6.32 -12.09 12.66
N TYR B 181 -5.96 -13.18 11.99
CA TYR B 181 -6.70 -13.56 10.78
C TYR B 181 -8.12 -13.98 11.11
N ARG B 182 -8.31 -14.71 12.20
CA ARG B 182 -9.68 -14.99 12.64
C ARG B 182 -10.45 -13.68 12.82
N ARG B 183 -9.83 -12.67 13.44
CA ARG B 183 -10.53 -11.40 13.65
C ARG B 183 -10.77 -10.64 12.34
N TRP B 184 -9.80 -10.65 11.42
CA TRP B 184 -10.00 -10.10 10.07
C TRP B 184 -11.28 -10.66 9.44
N TYR B 185 -11.43 -11.99 9.46
CA TYR B 185 -12.63 -12.58 8.87
C TYR B 185 -13.88 -12.38 9.74
N GLU B 186 -13.83 -12.74 11.02
CA GLU B 186 -15.05 -12.79 11.83
C GLU B 186 -15.48 -11.42 12.32
N GLU B 187 -14.53 -10.59 12.78
CA GLU B 187 -14.87 -9.27 13.32
C GLU B 187 -15.09 -8.22 12.23
N CYS B 188 -14.30 -8.25 11.17
CA CYS B 188 -14.43 -7.23 10.13
C CYS B 188 -15.43 -7.69 9.06
N LEU B 189 -15.16 -8.85 8.45
CA LEU B 189 -15.96 -9.32 7.34
C LEU B 189 -17.18 -10.13 7.74
N ALA B 190 -17.35 -10.44 9.04
CA ALA B 190 -18.49 -11.23 9.52
C ALA B 190 -18.56 -12.60 8.88
N VAL B 191 -17.41 -13.18 8.56
CA VAL B 191 -17.29 -14.51 7.96
C VAL B 191 -16.75 -15.45 9.03
N PRO B 192 -17.47 -16.51 9.39
CA PRO B 192 -16.93 -17.47 10.36
C PRO B 192 -15.87 -18.34 9.72
N VAL B 193 -14.80 -18.61 10.48
CA VAL B 193 -13.71 -19.44 9.99
C VAL B 193 -13.32 -20.43 11.08
N ILE B 194 -12.62 -21.48 10.67
CA ILE B 194 -12.19 -22.53 11.59
C ILE B 194 -10.67 -22.54 11.61
N LYS B 195 -10.09 -22.38 12.80
CA LYS B 195 -8.65 -22.48 12.95
C LYS B 195 -8.23 -23.94 13.00
N GLY B 196 -7.11 -24.24 12.33
CA GLY B 196 -6.66 -25.62 12.35
C GLY B 196 -5.22 -25.74 11.92
N GLU B 197 -4.72 -26.97 11.94
CA GLU B 197 -3.38 -27.28 11.48
C GLU B 197 -3.50 -28.02 10.17
N LYS B 198 -2.65 -27.72 9.18
CA LYS B 198 -2.68 -28.50 7.94
C LYS B 198 -2.06 -29.88 8.15
N SER B 199 -2.53 -30.85 7.36
CA SER B 199 -1.94 -32.16 7.30
C SER B 199 -0.50 -32.09 6.76
N GLU B 200 0.24 -33.19 6.94
CA GLU B 200 1.61 -33.26 6.42
C GLU B 200 1.64 -33.08 4.91
N GLY B 201 0.67 -33.64 4.19
CA GLY B 201 0.63 -33.50 2.74
C GLY B 201 0.19 -32.13 2.26
N GLU B 202 -0.49 -31.34 3.11
CA GLU B 202 -1.01 -30.05 2.71
C GLU B 202 -0.24 -28.86 3.26
N LYS B 203 0.67 -29.07 4.21
CA LYS B 203 1.41 -27.96 4.81
C LYS B 203 2.45 -27.41 3.84
N PHE B 204 2.94 -26.22 4.16
CA PHE B 204 4.04 -25.62 3.42
C PHE B 204 5.27 -26.50 3.56
N ALA B 205 5.78 -26.99 2.42
CA ALA B 205 6.88 -27.94 2.47
C ALA B 205 8.12 -27.34 3.12
N GLY B 206 8.34 -26.03 2.96
CA GLY B 206 9.52 -25.43 3.53
C GLY B 206 9.48 -25.23 5.03
N GLY B 207 8.39 -25.60 5.70
CA GLY B 207 8.21 -25.34 7.11
C GLY B 207 7.96 -26.58 7.92
N LYS B 208 7.80 -26.37 9.22
CA LYS B 208 7.57 -27.45 10.17
C LYS B 208 6.10 -27.67 10.48
N LYS B 209 5.31 -26.61 10.62
CA LYS B 209 3.88 -26.80 10.86
C LYS B 209 3.14 -25.61 10.29
N THR B 210 2.07 -25.87 9.56
CA THR B 210 1.27 -24.81 8.96
C THR B 210 -0.07 -24.76 9.67
N THR B 211 -0.45 -23.58 10.16
CA THR B 211 -1.78 -23.35 10.68
C THR B 211 -2.56 -22.52 9.68
N THR B 212 -3.87 -22.62 9.78
CA THR B 212 -4.74 -22.07 8.76
C THR B 212 -6.04 -21.62 9.39
N VAL B 213 -6.72 -20.69 8.71
CA VAL B 213 -8.15 -20.48 8.94
C VAL B 213 -8.89 -20.88 7.67
N GLU B 214 -9.96 -21.65 7.82
CA GLU B 214 -10.71 -22.20 6.70
C GLU B 214 -12.14 -21.69 6.70
N ALA B 215 -12.64 -21.30 5.53
CA ALA B 215 -14.04 -20.91 5.36
C ALA B 215 -14.75 -21.95 4.51
N PHE B 216 -16.08 -21.85 4.49
CA PHE B 216 -16.94 -22.81 3.81
C PHE B 216 -17.94 -22.08 2.93
N ILE B 217 -18.10 -22.55 1.70
CA ILE B 217 -19.02 -21.94 0.74
C ILE B 217 -20.19 -22.90 0.54
N PRO B 218 -21.33 -22.67 1.17
CA PRO B 218 -22.43 -23.66 1.06
C PRO B 218 -22.90 -23.93 -0.36
N GLU B 219 -22.86 -22.93 -1.26
CA GLU B 219 -23.51 -23.14 -2.55
C GLU B 219 -22.80 -24.15 -3.44
N ASN B 220 -21.49 -24.34 -3.24
CA ASN B 220 -20.77 -25.37 -3.99
C ASN B 220 -20.16 -26.43 -3.10
N GLY B 221 -20.36 -26.32 -1.79
CA GLY B 221 -19.89 -27.31 -0.84
C GLY B 221 -18.39 -27.33 -0.62
N ARG B 222 -17.70 -26.25 -0.98
CA ARG B 222 -16.24 -26.27 -0.96
C ARG B 222 -15.68 -25.50 0.23
N GLY B 223 -14.67 -26.08 0.86
CA GLY B 223 -13.83 -25.31 1.76
C GLY B 223 -12.86 -24.44 0.99
N ILE B 224 -12.47 -23.33 1.59
CA ILE B 224 -11.49 -22.44 0.99
C ILE B 224 -10.56 -21.93 2.08
N GLN B 225 -9.26 -22.01 1.83
CA GLN B 225 -8.28 -21.51 2.80
C GLN B 225 -8.31 -19.99 2.81
N ALA B 226 -8.57 -19.43 3.99
CA ALA B 226 -8.77 -17.99 4.15
C ALA B 226 -7.50 -17.23 4.47
N ALA B 227 -6.54 -17.84 5.15
CA ALA B 227 -5.27 -17.22 5.51
C ALA B 227 -4.39 -18.28 6.14
N THR B 228 -3.09 -17.99 6.24
CA THR B 228 -2.17 -19.02 6.71
C THR B 228 -1.05 -18.44 7.57
N SER B 229 -0.60 -19.25 8.54
CA SER B 229 0.47 -18.84 9.44
C SER B 229 1.34 -20.06 9.73
N HIS B 230 2.62 -20.00 9.38
CA HIS B 230 3.55 -21.12 9.41
C HIS B 230 4.58 -20.95 10.52
N LEU B 231 4.80 -22.03 11.28
CA LEU B 231 6.01 -22.21 12.05
C LEU B 231 7.02 -22.86 11.12
N LEU B 232 8.04 -22.10 10.75
CA LEU B 232 9.07 -22.59 9.86
C LEU B 232 10.16 -23.35 10.59
N GLY B 233 10.25 -23.21 11.91
CA GLY B 233 11.33 -23.83 12.65
C GLY B 233 12.66 -23.26 12.19
N THR B 234 13.65 -24.15 12.04
CA THR B 234 15.00 -23.78 11.66
C THR B 234 15.36 -24.18 10.23
N ASN B 235 14.41 -24.68 9.44
CA ASN B 235 14.72 -25.18 8.10
C ASN B 235 15.30 -24.07 7.21
N PHE B 236 14.61 -22.95 7.13
CA PHE B 236 15.12 -21.84 6.32
C PHE B 236 16.37 -21.24 6.94
N ALA B 237 16.48 -21.30 8.27
CA ALA B 237 17.67 -20.78 8.93
C ALA B 237 18.90 -21.58 8.53
N LYS B 238 18.76 -22.90 8.39
CA LYS B 238 19.87 -23.69 7.87
C LYS B 238 20.14 -23.38 6.41
N MET B 239 19.07 -23.26 5.61
CA MET B 239 19.26 -23.05 4.18
C MET B 239 19.93 -21.71 3.88
N PHE B 240 19.58 -20.66 4.61
CA PHE B 240 20.11 -19.34 4.35
C PHE B 240 21.19 -18.91 5.32
N GLU B 241 21.57 -19.76 6.27
CA GLU B 241 22.62 -19.47 7.22
C GLU B 241 22.27 -18.25 8.09
N ILE B 242 21.07 -18.27 8.67
CA ILE B 242 20.60 -17.24 9.57
C ILE B 242 20.89 -17.71 10.98
N GLU B 243 21.99 -17.23 11.55
CA GLU B 243 22.49 -17.69 12.84
C GLU B 243 22.75 -16.48 13.74
N PHE B 244 22.75 -16.73 15.05
CA PHE B 244 22.98 -15.67 16.00
C PHE B 244 23.78 -16.20 17.18
N GLU B 245 24.59 -15.33 17.77
CA GLU B 245 25.31 -15.69 18.98
C GLU B 245 24.41 -15.42 20.18
N ASP B 246 24.24 -16.43 21.03
CA ASP B 246 23.39 -16.29 22.22
C ASP B 246 24.21 -15.66 23.35
N GLU B 247 23.59 -15.55 24.53
CA GLU B 247 24.28 -14.95 25.68
C GLU B 247 25.49 -15.77 26.11
N GLU B 248 25.43 -17.10 26.00
CA GLU B 248 26.59 -17.93 26.34
C GLU B 248 27.69 -17.86 25.29
N GLY B 249 27.46 -17.18 24.18
CA GLY B 249 28.46 -17.05 23.14
C GLY B 249 28.44 -18.12 22.08
N HIS B 250 27.43 -18.99 22.07
CA HIS B 250 27.35 -20.06 21.09
C HIS B 250 26.47 -19.67 19.92
N LYS B 251 26.83 -20.15 18.73
CA LYS B 251 26.08 -19.86 17.52
C LYS B 251 24.88 -20.81 17.43
N ARG B 252 23.70 -20.24 17.18
CA ARG B 252 22.46 -20.99 17.12
C ARG B 252 21.65 -20.53 15.93
N LEU B 253 20.75 -21.39 15.48
CA LEU B 253 19.86 -21.05 14.38
C LEU B 253 18.63 -20.30 14.90
N VAL B 254 18.13 -19.36 14.09
CA VAL B 254 16.89 -18.68 14.44
C VAL B 254 15.71 -19.60 14.13
N HIS B 255 14.58 -19.28 14.77
CA HIS B 255 13.30 -19.98 14.59
C HIS B 255 12.41 -18.98 13.89
N GLN B 256 11.81 -19.38 12.78
CA GLN B 256 11.14 -18.41 11.94
C GLN B 256 9.65 -18.69 11.81
N THR B 257 8.92 -17.64 11.41
CA THR B 257 7.52 -17.76 11.04
C THR B 257 7.33 -17.01 9.72
N SER B 258 6.26 -17.37 9.02
CA SER B 258 5.79 -16.51 7.93
C SER B 258 4.29 -16.66 7.82
N TRP B 259 3.63 -15.65 7.24
CA TRP B 259 2.17 -15.64 7.31
C TRP B 259 1.64 -14.69 6.26
N GLY B 260 0.49 -15.03 5.69
CA GLY B 260 -0.07 -14.20 4.64
C GLY B 260 -1.58 -14.25 4.54
N CYS B 261 -2.11 -13.19 3.93
CA CYS B 261 -3.54 -13.14 3.65
C CYS B 261 -3.72 -12.15 2.50
N THR B 262 -4.75 -12.38 1.68
CA THR B 262 -4.87 -11.69 0.38
C THR B 262 -6.27 -11.14 0.17
N THR B 263 -6.46 -10.48 -0.99
CA THR B 263 -7.79 -10.03 -1.43
C THR B 263 -8.76 -11.17 -1.69
N ARG B 264 -8.32 -12.45 -1.59
CA ARG B 264 -9.28 -13.54 -1.54
C ARG B 264 -10.33 -13.31 -0.47
N SER B 265 -9.93 -12.66 0.63
CA SER B 265 -10.86 -12.38 1.71
C SER B 265 -12.09 -11.61 1.23
N LEU B 266 -11.92 -10.68 0.28
CA LEU B 266 -13.08 -9.97 -0.26
C LEU B 266 -14.02 -10.91 -1.00
N GLY B 267 -13.47 -11.84 -1.79
CA GLY B 267 -14.32 -12.79 -2.51
C GLY B 267 -15.08 -13.69 -1.56
N VAL B 268 -14.43 -14.10 -0.47
CA VAL B 268 -15.11 -14.90 0.55
C VAL B 268 -16.26 -14.09 1.17
N MET B 269 -16.01 -12.82 1.48
CA MET B 269 -17.06 -11.96 2.00
CA MET B 269 -17.07 -11.96 1.99
C MET B 269 -18.24 -11.89 1.03
N ILE B 270 -17.96 -11.65 -0.26
CA ILE B 270 -19.02 -11.56 -1.26
C ILE B 270 -19.85 -12.84 -1.28
N MET B 271 -19.19 -14.00 -1.36
CA MET B 271 -19.91 -15.25 -1.44
C MET B 271 -20.71 -15.54 -0.18
N THR B 272 -20.20 -15.12 0.98
CA THR B 272 -20.89 -15.43 2.24
C THR B 272 -22.15 -14.60 2.40
N HIS B 273 -22.08 -13.29 2.13
CA HIS B 273 -23.20 -12.43 2.49
C HIS B 273 -24.05 -11.96 1.33
N GLY B 274 -23.57 -12.08 0.09
CA GLY B 274 -24.36 -11.64 -1.04
C GLY B 274 -25.67 -12.39 -1.15
N ASP B 275 -26.61 -11.77 -1.85
CA ASP B 275 -27.93 -12.35 -2.02
C ASP B 275 -28.37 -12.12 -3.47
N ASP B 276 -29.65 -12.39 -3.75
CA ASP B 276 -30.14 -12.27 -5.12
C ASP B 276 -30.13 -10.83 -5.62
N LYS B 277 -30.10 -9.85 -4.72
CA LYS B 277 -30.06 -8.44 -5.13
C LYS B 277 -28.65 -7.92 -5.31
N GLY B 278 -27.63 -8.69 -4.97
CA GLY B 278 -26.26 -8.26 -5.11
C GLY B 278 -25.45 -8.33 -3.83
N LEU B 279 -24.53 -7.39 -3.66
CA LEU B 279 -23.65 -7.41 -2.50
C LEU B 279 -24.41 -7.02 -1.23
N VAL B 280 -23.86 -7.47 -0.11
CA VAL B 280 -24.26 -7.01 1.21
C VAL B 280 -22.95 -6.79 1.96
N ILE B 281 -22.63 -5.55 2.29
CA ILE B 281 -21.36 -5.22 2.92
C ILE B 281 -21.56 -5.11 4.43
N PRO B 282 -20.82 -5.83 5.24
CA PRO B 282 -20.92 -5.65 6.70
C PRO B 282 -20.56 -4.22 7.08
N PRO B 283 -21.33 -3.60 7.98
CA PRO B 283 -21.07 -2.20 8.36
C PRO B 283 -19.62 -1.89 8.68
N ARG B 284 -18.92 -2.81 9.37
CA ARG B 284 -17.57 -2.52 9.83
C ARG B 284 -16.57 -2.34 8.69
N VAL B 285 -16.89 -2.82 7.48
CA VAL B 285 -16.00 -2.59 6.34
C VAL B 285 -16.67 -1.76 5.25
N ALA B 286 -17.83 -1.17 5.53
CA ALA B 286 -18.53 -0.36 4.53
C ALA B 286 -18.00 1.06 4.55
N SER B 287 -17.43 1.52 3.43
CA SER B 287 -16.99 2.92 3.33
C SER B 287 -18.18 3.88 3.38
N VAL B 288 -19.31 3.46 2.84
CA VAL B 288 -20.58 4.15 2.99
C VAL B 288 -21.47 3.24 3.83
N GLN B 289 -21.72 3.65 5.07
CA GLN B 289 -22.62 2.89 5.93
C GLN B 289 -24.07 3.28 5.72
N VAL B 290 -24.33 4.58 5.53
CA VAL B 290 -25.66 5.11 5.31
C VAL B 290 -25.60 5.97 4.05
N VAL B 291 -26.48 5.69 3.10
CA VAL B 291 -26.69 6.57 1.95
C VAL B 291 -28.02 7.30 2.13
N ILE B 292 -27.98 8.63 2.01
CA ILE B 292 -29.15 9.48 2.09
C ILE B 292 -29.60 9.81 0.67
N ILE B 293 -30.85 9.51 0.36
CA ILE B 293 -31.39 9.73 -0.98
C ILE B 293 -32.54 10.73 -0.90
N PRO B 294 -32.36 11.94 -1.41
CA PRO B 294 -33.47 12.90 -1.49
C PRO B 294 -34.41 12.51 -2.62
N ILE B 295 -35.70 12.43 -2.31
CA ILE B 295 -36.72 12.07 -3.30
C ILE B 295 -37.22 13.38 -3.92
N LEU B 296 -36.71 13.69 -5.10
CA LEU B 296 -37.05 14.91 -5.82
C LEU B 296 -37.93 14.55 -7.01
N PHE B 297 -39.15 15.09 -7.04
CA PHE B 297 -40.08 14.85 -8.14
C PHE B 297 -40.99 16.06 -8.28
N LYS B 298 -41.09 16.58 -9.51
CA LYS B 298 -41.97 17.71 -9.83
C LYS B 298 -41.68 18.94 -8.98
N ASP B 299 -40.40 19.14 -8.65
CA ASP B 299 -39.94 20.32 -7.91
C ASP B 299 -40.65 20.50 -6.57
N GLU B 300 -41.03 19.41 -5.92
CA GLU B 300 -41.79 19.50 -4.67
C GLU B 300 -40.83 19.57 -3.49
N ASN B 301 -40.63 20.78 -2.97
CA ASN B 301 -39.84 21.05 -1.77
C ASN B 301 -38.35 20.75 -1.94
N THR B 302 -37.84 21.01 -3.14
CA THR B 302 -36.45 20.66 -3.48
C THR B 302 -35.46 21.27 -2.49
N GLY B 303 -35.51 22.59 -2.30
CA GLY B 303 -34.55 23.25 -1.44
C GLY B 303 -34.62 22.74 0.00
N GLU B 304 -35.84 22.57 0.51
CA GLU B 304 -36.02 22.10 1.88
C GLU B 304 -35.43 20.72 2.05
N ILE B 305 -35.75 19.80 1.12
CA ILE B 305 -35.27 18.42 1.22
C ILE B 305 -33.74 18.39 1.21
N LEU B 306 -33.13 19.14 0.29
CA LEU B 306 -31.67 19.09 0.19
C LEU B 306 -31.00 19.68 1.43
N GLY B 307 -31.52 20.82 1.92
CA GLY B 307 -30.97 21.37 3.16
C GLY B 307 -31.08 20.40 4.32
N LYS B 308 -32.22 19.73 4.44
CA LYS B 308 -32.41 18.79 5.54
C LYS B 308 -31.46 17.61 5.42
N CYS B 309 -31.24 17.11 4.20
CA CYS B 309 -30.30 16.01 4.01
C CYS B 309 -28.90 16.42 4.46
N ARG B 310 -28.48 17.66 4.14
CA ARG B 310 -27.18 18.13 4.60
C ARG B 310 -27.12 18.16 6.13
N GLU B 311 -28.20 18.62 6.77
CA GLU B 311 -28.23 18.65 8.23
C GLU B 311 -28.10 17.25 8.81
N LEU B 312 -28.84 16.29 8.25
CA LEU B 312 -28.80 14.92 8.76
C LEU B 312 -27.42 14.31 8.58
N LYS B 313 -26.77 14.57 7.45
CA LYS B 313 -25.41 14.07 7.25
C LYS B 313 -24.47 14.62 8.30
N THR B 314 -24.55 15.93 8.57
CA THR B 314 -23.69 16.50 9.61
C THR B 314 -23.95 15.84 10.97
N MET B 315 -25.23 15.62 11.30
CA MET B 315 -25.54 15.02 12.60
C MET B 315 -25.00 13.61 12.71
N LEU B 316 -25.19 12.81 11.65
CA LEU B 316 -24.73 11.41 11.70
C LEU B 316 -23.21 11.34 11.72
N GLU B 317 -22.54 12.18 10.94
CA GLU B 317 -21.08 12.20 10.95
C GLU B 317 -20.56 12.55 12.33
N LYS B 318 -21.26 13.44 13.05
CA LYS B 318 -20.87 13.73 14.43
C LYS B 318 -20.87 12.47 15.30
N ALA B 319 -21.53 11.39 14.86
CA ALA B 319 -21.53 10.12 15.59
C ALA B 319 -20.63 9.07 14.92
N ASP B 320 -19.69 9.51 14.08
CA ASP B 320 -18.74 8.63 13.38
C ASP B 320 -19.41 7.64 12.44
N ILE B 321 -20.64 7.92 12.03
CA ILE B 321 -21.31 7.14 10.99
C ILE B 321 -20.85 7.64 9.64
N ARG B 322 -20.45 6.71 8.77
CA ARG B 322 -19.96 7.08 7.45
C ARG B 322 -21.14 7.27 6.52
N VAL B 323 -21.38 8.51 6.13
CA VAL B 323 -22.61 8.93 5.46
C VAL B 323 -22.25 9.51 4.10
N ARG B 324 -23.05 9.17 3.09
CA ARG B 324 -22.98 9.85 1.80
C ARG B 324 -24.38 10.30 1.40
N ILE B 325 -24.51 11.55 0.96
CA ILE B 325 -25.74 12.02 0.35
C ILE B 325 -25.62 11.82 -1.15
N ASP B 326 -26.54 11.05 -1.74
CA ASP B 326 -26.58 10.94 -3.19
C ASP B 326 -27.58 11.98 -3.72
N ASP B 327 -27.06 13.19 -3.90
CA ASP B 327 -27.80 14.31 -4.47
C ASP B 327 -27.49 14.51 -5.94
N ARG B 328 -26.98 13.48 -6.62
CA ARG B 328 -26.69 13.62 -8.04
C ARG B 328 -27.99 13.88 -8.81
N SER B 329 -28.03 15.03 -9.47
CA SER B 329 -29.27 15.46 -10.12
C SER B 329 -29.64 14.60 -11.32
N ASN B 330 -28.68 13.92 -11.93
CA ASN B 330 -28.89 13.24 -13.20
C ASN B 330 -29.27 11.77 -13.05
N TYR B 331 -29.72 11.34 -11.85
CA TYR B 331 -30.24 10.00 -11.64
C TYR B 331 -31.54 10.10 -10.85
N THR B 332 -32.49 9.23 -11.18
CA THR B 332 -33.77 9.19 -10.48
C THR B 332 -33.63 8.51 -9.11
N PRO B 333 -34.56 8.78 -8.20
CA PRO B 333 -34.54 8.08 -6.90
C PRO B 333 -34.59 6.56 -7.01
N GLY B 334 -35.42 6.02 -7.91
CA GLY B 334 -35.45 4.57 -8.06
C GLY B 334 -34.12 4.01 -8.53
N TRP B 335 -33.48 4.70 -9.47
CA TRP B 335 -32.15 4.29 -9.89
C TRP B 335 -31.19 4.27 -8.71
N LYS B 336 -31.25 5.30 -7.85
CA LYS B 336 -30.37 5.35 -6.69
C LYS B 336 -30.63 4.20 -5.74
N TYR B 337 -31.92 3.90 -5.49
CA TYR B 337 -32.27 2.75 -4.65
C TYR B 337 -31.57 1.50 -5.15
N ASN B 338 -31.74 1.21 -6.44
CA ASN B 338 -31.18 -0.03 -6.99
CA ASN B 338 -31.18 -0.03 -6.98
C ASN B 338 -29.65 -0.01 -7.00
N HIS B 339 -29.06 1.18 -7.28
CA HIS B 339 -27.61 1.29 -7.33
C HIS B 339 -26.98 0.99 -5.98
N TRP B 340 -27.45 1.66 -4.93
CA TRP B 340 -26.85 1.43 -3.61
C TRP B 340 -27.24 0.07 -3.03
N GLU B 341 -28.35 -0.52 -3.49
CA GLU B 341 -28.68 -1.87 -3.05
C GLU B 341 -27.74 -2.90 -3.69
N VAL B 342 -27.51 -2.80 -5.00
CA VAL B 342 -26.60 -3.76 -5.64
C VAL B 342 -25.19 -3.61 -5.09
N LYS B 343 -24.82 -2.39 -4.67
CA LYS B 343 -23.51 -2.17 -4.09
C LYS B 343 -23.40 -2.60 -2.63
N GLY B 344 -24.51 -2.92 -1.97
CA GLY B 344 -24.46 -3.51 -0.65
C GLY B 344 -24.41 -2.53 0.51
N VAL B 345 -24.73 -1.27 0.29
CA VAL B 345 -24.69 -0.29 1.40
C VAL B 345 -25.63 -0.75 2.52
N PRO B 346 -25.15 -0.85 3.76
CA PRO B 346 -25.99 -1.42 4.84
C PRO B 346 -27.32 -0.75 5.06
N LEU B 347 -27.38 0.58 4.99
CA LEU B 347 -28.57 1.34 5.37
C LEU B 347 -28.86 2.41 4.33
N ARG B 348 -30.11 2.49 3.90
CA ARG B 348 -30.55 3.54 2.99
C ARG B 348 -31.56 4.42 3.71
N LEU B 349 -31.34 5.73 3.67
CA LEU B 349 -32.22 6.70 4.31
C LEU B 349 -32.89 7.53 3.22
N GLU B 350 -34.21 7.47 3.16
CA GLU B 350 -35.02 8.23 2.23
C GLU B 350 -35.70 9.39 2.95
N LEU B 351 -35.65 10.55 2.32
CA LEU B 351 -36.29 11.77 2.81
C LEU B 351 -37.01 12.42 1.63
N GLY B 352 -38.34 12.31 1.61
CA GLY B 352 -39.16 12.95 0.62
C GLY B 352 -40.00 14.05 1.23
N PRO B 353 -40.91 14.63 0.43
CA PRO B 353 -41.74 15.72 0.95
C PRO B 353 -42.54 15.36 2.20
N LYS B 354 -43.25 14.23 2.16
CA LYS B 354 -44.03 13.80 3.30
C LYS B 354 -43.15 13.68 4.54
N ASP B 355 -41.98 13.07 4.40
CA ASP B 355 -41.09 12.85 5.53
C ASP B 355 -40.60 14.16 6.11
N LEU B 356 -40.26 15.12 5.24
CA LEU B 356 -39.92 16.45 5.71
C LEU B 356 -41.04 17.02 6.57
N ALA B 357 -42.28 16.83 6.14
CA ALA B 357 -43.41 17.33 6.94
C ALA B 357 -43.49 16.63 8.28
N LYS B 358 -43.34 15.30 8.30
CA LYS B 358 -43.51 14.52 9.52
C LYS B 358 -42.36 14.65 10.49
N GLY B 359 -41.21 15.19 10.07
CA GLY B 359 -40.05 15.19 10.94
C GLY B 359 -39.42 13.83 11.07
N THR B 360 -39.62 12.96 10.09
CA THR B 360 -39.17 11.58 10.10
C THR B 360 -38.25 11.35 8.91
N ALA B 361 -37.56 10.22 8.95
CA ALA B 361 -36.86 9.69 7.80
C ALA B 361 -37.14 8.20 7.73
N ARG B 362 -37.17 7.65 6.51
CA ARG B 362 -37.44 6.23 6.34
C ARG B 362 -36.14 5.51 6.07
N VAL B 363 -35.82 4.50 6.87
CA VAL B 363 -34.54 3.80 6.79
C VAL B 363 -34.80 2.34 6.45
N VAL B 364 -34.05 1.82 5.48
CA VAL B 364 -34.18 0.44 5.04
C VAL B 364 -32.83 -0.25 5.24
N ARG B 365 -32.83 -1.42 5.87
CA ARG B 365 -31.61 -2.18 6.06
C ARG B 365 -31.44 -3.18 4.92
N ARG B 366 -30.20 -3.29 4.43
CA ARG B 366 -29.93 -4.03 3.21
C ARG B 366 -30.06 -5.54 3.41
N ASP B 367 -29.69 -6.04 4.59
CA ASP B 367 -29.64 -7.48 4.81
C ASP B 367 -31.04 -8.11 4.81
N THR B 368 -32.02 -7.45 5.45
CA THR B 368 -33.35 -8.01 5.56
C THR B 368 -34.43 -7.22 4.81
N GLY B 369 -34.14 -5.99 4.40
CA GLY B 369 -35.14 -5.16 3.77
C GLY B 369 -36.08 -4.44 4.72
N GLU B 370 -35.99 -4.69 6.03
CA GLU B 370 -36.90 -4.09 6.98
C GLU B 370 -36.80 -2.57 6.96
N ALA B 371 -37.95 -1.91 7.08
CA ALA B 371 -38.05 -0.46 7.05
C ALA B 371 -38.44 0.07 8.42
N TYR B 372 -37.90 1.24 8.76
CA TYR B 372 -38.16 1.91 10.03
C TYR B 372 -38.41 3.39 9.76
N GLN B 373 -39.43 3.94 10.41
CA GLN B 373 -39.62 5.39 10.43
C GLN B 373 -38.97 5.92 11.71
N ILE B 374 -38.00 6.82 11.56
CA ILE B 374 -37.22 7.28 12.71
C ILE B 374 -37.27 8.80 12.73
N SER B 375 -37.56 9.38 13.90
CA SER B 375 -37.48 10.82 14.07
C SER B 375 -36.04 11.28 13.89
N TRP B 376 -35.88 12.51 13.40
CA TRP B 376 -34.54 13.02 13.14
C TRP B 376 -33.68 13.02 14.41
N ALA B 377 -34.27 13.31 15.56
CA ALA B 377 -33.51 13.33 16.80
C ALA B 377 -33.02 11.94 17.19
N ASP B 378 -33.77 10.89 16.83
CA ASP B 378 -33.40 9.52 17.17
C ASP B 378 -32.39 8.91 16.20
N LEU B 379 -32.12 9.59 15.08
CA LEU B 379 -31.44 8.95 13.96
C LEU B 379 -30.09 8.37 14.35
N ALA B 380 -29.22 9.18 14.97
CA ALA B 380 -27.87 8.72 15.26
C ALA B 380 -27.83 7.50 16.16
N PRO B 381 -28.40 7.52 17.38
CA PRO B 381 -28.37 6.30 18.20
C PRO B 381 -29.07 5.12 17.54
N LYS B 382 -30.20 5.37 16.88
CA LYS B 382 -30.95 4.27 16.29
C LYS B 382 -30.17 3.61 15.15
N LEU B 383 -29.47 4.41 14.34
CA LEU B 383 -28.69 3.84 13.24
C LEU B 383 -27.47 3.09 13.77
N LEU B 384 -26.84 3.59 14.83
CA LEU B 384 -25.75 2.84 15.45
C LEU B 384 -26.24 1.47 15.89
N GLU B 385 -27.41 1.44 16.55
CA GLU B 385 -28.00 0.19 17.00
C GLU B 385 -28.29 -0.75 15.83
N LEU B 386 -28.83 -0.20 14.73
CA LEU B 386 -29.14 -1.01 13.57
C LEU B 386 -27.89 -1.60 12.92
N MET B 387 -26.81 -0.81 12.87
CA MET B 387 -25.58 -1.33 12.28
C MET B 387 -24.96 -2.44 13.12
N GLU B 388 -25.00 -2.28 14.45
CA GLU B 388 -24.58 -3.39 15.31
C GLU B 388 -25.40 -4.64 15.04
N GLY B 389 -26.72 -4.47 14.92
CA GLY B 389 -27.59 -5.60 14.63
C GLY B 389 -27.28 -6.26 13.29
N ILE B 390 -27.03 -5.45 12.25
CA ILE B 390 -26.72 -6.00 10.93
C ILE B 390 -25.42 -6.82 10.97
N GLN B 391 -24.36 -6.23 11.56
CA GLN B 391 -23.08 -6.94 11.62
C GLN B 391 -23.24 -8.28 12.35
N ARG B 392 -23.89 -8.23 13.52
CA ARG B 392 -24.11 -9.43 14.32
C ARG B 392 -24.94 -10.46 13.55
N SER B 393 -26.01 -10.02 12.88
CA SER B 393 -26.90 -10.93 12.18
C SER B 393 -26.20 -11.61 11.00
N LEU B 394 -25.45 -10.83 10.21
CA LEU B 394 -24.70 -11.42 9.10
C LEU B 394 -23.78 -12.52 9.60
N PHE B 395 -23.05 -12.25 10.68
CA PHE B 395 -22.14 -13.27 11.22
C PHE B 395 -22.92 -14.49 11.73
N GLU B 396 -23.99 -14.27 12.48
CA GLU B 396 -24.70 -15.40 13.10
C GLU B 396 -25.34 -16.29 12.06
N LYS B 397 -25.92 -15.69 11.01
CA LYS B 397 -26.52 -16.50 9.96
C LYS B 397 -25.46 -17.29 9.22
N ALA B 398 -24.31 -16.68 8.94
CA ALA B 398 -23.23 -17.39 8.27
C ALA B 398 -22.70 -18.53 9.15
N LYS B 399 -22.60 -18.29 10.45
CA LYS B 399 -22.10 -19.33 11.35
C LYS B 399 -23.07 -20.50 11.43
N ALA B 400 -24.38 -20.20 11.42
CA ALA B 400 -25.37 -21.27 11.39
C ALA B 400 -25.25 -22.09 10.11
N ARG B 401 -25.01 -21.43 8.98
CA ARG B 401 -24.82 -22.19 7.73
C ARG B 401 -23.57 -23.05 7.79
N LEU B 402 -22.50 -22.52 8.40
CA LEU B 402 -21.27 -23.31 8.57
C LEU B 402 -21.54 -24.55 9.42
N HIS B 403 -22.26 -24.37 10.51
CA HIS B 403 -22.60 -25.47 11.40
C HIS B 403 -23.41 -26.53 10.67
N GLU B 404 -24.39 -26.09 9.91
CA GLU B 404 -25.22 -27.02 9.15
C GLU B 404 -24.44 -27.73 8.05
N GLY B 405 -23.34 -27.14 7.57
CA GLY B 405 -22.59 -27.76 6.50
C GLY B 405 -21.54 -28.77 6.90
N ILE B 406 -21.38 -29.11 8.18
CA ILE B 406 -20.37 -30.07 8.62
C ILE B 406 -21.06 -31.26 9.26
N GLU B 407 -20.81 -32.45 8.74
CA GLU B 407 -21.37 -33.68 9.27
C GLU B 407 -20.29 -34.48 9.97
N LYS B 408 -20.57 -34.90 11.21
CA LYS B 408 -19.68 -35.79 11.92
C LYS B 408 -19.90 -37.20 11.43
N ILE B 409 -18.82 -37.88 11.03
CA ILE B 409 -18.91 -39.24 10.51
C ILE B 409 -17.94 -40.14 11.26
N SER B 410 -18.12 -41.45 11.08
CA SER B 410 -17.22 -42.44 11.67
C SER B 410 -16.60 -43.40 10.66
N THR B 411 -17.19 -43.57 9.47
CA THR B 411 -16.71 -44.54 8.51
C THR B 411 -16.75 -43.95 7.10
N PHE B 412 -15.94 -44.52 6.22
CA PHE B 412 -15.83 -43.97 4.86
C PHE B 412 -17.13 -44.08 4.07
N ASP B 413 -17.99 -45.04 4.41
CA ASP B 413 -19.23 -45.20 3.66
C ASP B 413 -20.15 -43.98 3.79
N GLU B 414 -19.92 -43.12 4.78
CA GLU B 414 -20.73 -41.91 4.93
C GLU B 414 -20.23 -40.75 4.07
N VAL B 415 -19.02 -40.88 3.50
CA VAL B 415 -18.36 -39.75 2.86
C VAL B 415 -19.10 -39.30 1.61
N MET B 416 -19.36 -40.22 0.69
CA MET B 416 -19.99 -39.82 -0.57
C MET B 416 -21.39 -39.23 -0.37
N PRO B 417 -22.26 -39.78 0.49
CA PRO B 417 -23.53 -39.08 0.73
C PRO B 417 -23.34 -37.68 1.29
N ALA B 418 -22.38 -37.48 2.21
CA ALA B 418 -22.16 -36.13 2.72
C ALA B 418 -21.68 -35.18 1.63
N LEU B 419 -20.75 -35.64 0.79
CA LEU B 419 -20.25 -34.80 -0.28
C LEU B 419 -21.35 -34.47 -1.28
N ASN B 420 -22.26 -35.42 -1.52
CA ASN B 420 -23.38 -35.16 -2.42
C ASN B 420 -24.38 -34.18 -1.82
N ARG B 421 -24.46 -34.09 -0.49
CA ARG B 421 -25.20 -33.01 0.14
C ARG B 421 -24.44 -31.68 0.17
N LYS B 422 -23.28 -31.59 -0.49
CA LYS B 422 -22.45 -30.38 -0.48
C LYS B 422 -22.01 -29.99 0.93
N HIS B 423 -21.66 -31.00 1.74
CA HIS B 423 -21.21 -30.78 3.09
C HIS B 423 -19.74 -31.15 3.25
N LEU B 424 -19.13 -30.63 4.31
CA LEU B 424 -17.84 -31.10 4.79
C LEU B 424 -18.08 -32.25 5.77
N VAL B 425 -17.01 -33.00 6.08
CA VAL B 425 -17.11 -34.05 7.08
C VAL B 425 -16.04 -33.86 8.15
N LEU B 426 -16.40 -34.15 9.39
CA LEU B 426 -15.46 -34.17 10.49
C LEU B 426 -15.31 -35.64 10.86
N ALA B 427 -14.11 -36.19 10.68
CA ALA B 427 -13.90 -37.62 10.85
C ALA B 427 -12.67 -37.91 11.70
N PRO B 428 -12.69 -39.00 12.47
CA PRO B 428 -11.48 -39.37 13.22
C PRO B 428 -10.48 -39.98 12.26
N TRP B 429 -9.22 -39.52 12.34
CA TRP B 429 -8.22 -39.85 11.33
C TRP B 429 -6.89 -40.21 12.01
N CYS B 430 -6.22 -41.22 11.44
CA CYS B 430 -4.90 -41.68 11.88
C CYS B 430 -3.77 -40.76 11.42
N GLU B 431 -4.02 -39.84 10.49
CA GLU B 431 -3.05 -38.82 10.03
C GLU B 431 -1.95 -39.37 9.12
N ASP B 432 -2.12 -40.58 8.60
CA ASP B 432 -1.14 -41.14 7.65
C ASP B 432 -1.27 -40.47 6.28
N PRO B 433 -0.17 -39.90 5.76
CA PRO B 433 -0.23 -39.22 4.45
C PRO B 433 -0.63 -40.14 3.31
N GLU B 434 -0.18 -41.40 3.33
CA GLU B 434 -0.63 -42.35 2.32
C GLU B 434 -2.16 -42.38 2.27
N SER B 435 -2.80 -42.36 3.45
CA SER B 435 -4.25 -42.44 3.46
C SER B 435 -4.88 -41.17 2.90
N GLU B 436 -4.28 -39.98 3.13
CA GLU B 436 -4.85 -38.80 2.47
C GLU B 436 -4.76 -38.91 0.95
N GLU B 437 -3.65 -39.41 0.44
CA GLU B 437 -3.51 -39.57 -1.00
C GLU B 437 -4.55 -40.57 -1.54
N GLN B 438 -4.75 -41.66 -0.82
CA GLN B 438 -5.71 -42.66 -1.24
C GLN B 438 -7.13 -42.11 -1.21
N ILE B 439 -7.45 -41.32 -0.18
CA ILE B 439 -8.79 -40.76 -0.06
C ILE B 439 -9.07 -39.78 -1.19
N LYS B 440 -8.08 -38.95 -1.53
CA LYS B 440 -8.22 -38.05 -2.67
C LYS B 440 -8.54 -38.84 -3.95
N LYS B 441 -7.77 -39.90 -4.21
CA LYS B 441 -8.00 -40.68 -5.42
C LYS B 441 -9.35 -41.38 -5.40
N GLU B 442 -9.73 -42.00 -4.28
CA GLU B 442 -10.98 -42.75 -4.23
C GLU B 442 -12.18 -41.83 -4.38
N THR B 443 -12.16 -40.66 -3.72
CA THR B 443 -13.32 -39.79 -3.84
C THR B 443 -13.39 -39.17 -5.22
N GLN B 444 -12.25 -38.88 -5.85
CA GLN B 444 -12.30 -38.43 -7.23
C GLN B 444 -12.90 -39.49 -8.15
N LYS B 445 -12.50 -40.75 -7.96
CA LYS B 445 -13.01 -41.82 -8.83
C LYS B 445 -14.50 -42.01 -8.64
N LEU B 446 -14.98 -42.01 -7.39
CA LEU B 446 -16.41 -42.18 -7.16
C LEU B 446 -17.20 -40.99 -7.70
N SER B 447 -16.66 -39.78 -7.56
CA SER B 447 -17.30 -38.60 -8.14
C SER B 447 -17.41 -38.75 -9.65
N GLU B 448 -16.32 -39.18 -10.30
CA GLU B 448 -16.32 -39.38 -11.74
C GLU B 448 -17.42 -40.37 -12.13
N ILE B 449 -17.49 -41.49 -11.42
CA ILE B 449 -18.51 -42.51 -11.71
C ILE B 449 -19.91 -41.90 -11.62
N GLN B 450 -20.18 -41.14 -10.56
CA GLN B 450 -21.49 -40.51 -10.44
C GLN B 450 -21.76 -39.56 -11.59
N THR B 462 -12.86 -30.09 -9.44
CA THR B 462 -12.82 -31.56 -9.39
C THR B 462 -13.60 -32.09 -8.18
N GLY B 463 -13.76 -33.40 -8.11
CA GLY B 463 -14.54 -34.02 -7.07
C GLY B 463 -13.76 -34.59 -5.90
N ALA B 464 -12.43 -34.48 -5.91
CA ALA B 464 -11.65 -35.08 -4.83
C ALA B 464 -11.90 -34.37 -3.52
N MET B 465 -12.00 -35.16 -2.46
CA MET B 465 -12.07 -34.63 -1.11
C MET B 465 -10.68 -34.68 -0.52
N LYS B 466 -10.27 -33.62 0.15
CA LYS B 466 -8.97 -33.60 0.82
C LYS B 466 -9.16 -33.10 2.23
N THR B 467 -8.10 -33.16 3.04
CA THR B 467 -8.17 -32.50 4.33
C THR B 467 -8.17 -31.00 4.13
N LEU B 468 -9.00 -30.33 4.91
CA LEU B 468 -9.00 -28.88 4.99
C LEU B 468 -8.13 -28.44 6.15
N CYS B 469 -8.37 -29.00 7.33
CA CYS B 469 -7.49 -28.76 8.45
C CYS B 469 -7.86 -29.74 9.56
N ILE B 470 -6.96 -29.85 10.52
CA ILE B 470 -7.21 -30.58 11.75
C ILE B 470 -7.54 -29.49 12.76
N PRO B 471 -8.79 -29.31 13.15
CA PRO B 471 -9.15 -28.12 13.94
C PRO B 471 -8.42 -28.06 15.27
N PHE B 472 -8.14 -26.83 15.72
CA PHE B 472 -7.62 -26.62 17.07
C PHE B 472 -8.62 -27.07 18.12
N ASP B 473 -9.92 -26.85 17.86
CA ASP B 473 -10.96 -27.24 18.79
C ASP B 473 -11.21 -28.73 18.58
N GLN B 474 -10.60 -29.57 19.43
CA GLN B 474 -10.71 -31.01 19.29
C GLN B 474 -11.70 -31.55 20.31
N PRO B 475 -12.79 -32.18 19.88
CA PRO B 475 -13.56 -33.00 20.81
C PRO B 475 -12.70 -34.15 21.31
N PRO B 476 -13.06 -34.76 22.43
CA PRO B 476 -12.29 -35.91 22.90
C PRO B 476 -12.25 -37.02 21.84
N MET B 477 -11.14 -37.76 21.84
CA MET B 477 -10.98 -38.92 20.98
C MET B 477 -11.13 -40.14 21.88
N PRO B 478 -12.29 -40.77 21.90
CA PRO B 478 -12.50 -41.90 22.82
C PRO B 478 -11.50 -43.01 22.54
N GLU B 479 -10.96 -43.59 23.62
CA GLU B 479 -10.00 -44.67 23.47
C GLU B 479 -10.59 -45.79 22.62
N GLY B 480 -9.81 -46.27 21.66
CA GLY B 480 -10.26 -47.30 20.75
C GLY B 480 -10.93 -46.81 19.49
N THR B 481 -11.14 -45.50 19.32
CA THR B 481 -11.74 -45.00 18.10
C THR B 481 -10.85 -45.31 16.91
N LYS B 482 -11.43 -45.85 15.85
CA LYS B 482 -10.67 -46.22 14.66
C LYS B 482 -10.72 -45.13 13.62
N CYS B 483 -9.62 -44.96 12.90
CA CYS B 483 -9.60 -44.10 11.72
C CYS B 483 -10.72 -44.48 10.78
N PHE B 484 -11.41 -43.45 10.25
CA PHE B 484 -12.58 -43.68 9.40
C PHE B 484 -12.23 -44.36 8.08
N TYR B 485 -10.96 -44.30 7.66
CA TYR B 485 -10.57 -44.87 6.39
C TYR B 485 -9.71 -46.12 6.53
N THR B 486 -8.69 -46.09 7.39
CA THR B 486 -7.75 -47.21 7.50
C THR B 486 -8.11 -48.22 8.56
N GLY B 487 -8.93 -47.86 9.53
CA GLY B 487 -9.19 -48.77 10.64
C GLY B 487 -8.11 -48.80 11.69
N LYS B 488 -7.01 -48.09 11.48
CA LYS B 488 -5.96 -47.96 12.47
C LYS B 488 -6.44 -47.02 13.58
N PRO B 489 -5.72 -46.95 14.70
CA PRO B 489 -6.16 -46.04 15.77
C PRO B 489 -6.19 -44.61 15.29
N ALA B 490 -7.33 -43.95 15.51
CA ALA B 490 -7.46 -42.56 15.13
C ALA B 490 -6.65 -41.69 16.08
N LYS B 491 -6.12 -40.60 15.56
CA LYS B 491 -5.38 -39.64 16.37
C LYS B 491 -6.19 -38.39 16.62
N ARG B 492 -6.68 -37.74 15.57
CA ARG B 492 -7.38 -36.47 15.77
C ARG B 492 -8.58 -36.39 14.85
N TRP B 493 -9.56 -35.58 15.26
CA TRP B 493 -10.68 -35.25 14.39
C TRP B 493 -10.19 -34.29 13.31
N THR B 494 -10.51 -34.62 12.07
CA THR B 494 -10.02 -33.86 10.92
C THR B 494 -11.20 -33.46 10.05
N LEU B 495 -11.12 -32.24 9.51
CA LEU B 495 -12.17 -31.70 8.66
C LEU B 495 -11.77 -31.95 7.21
N TRP B 496 -12.65 -32.56 6.43
CA TRP B 496 -12.38 -32.90 5.05
C TRP B 496 -13.48 -32.33 4.16
N GLY B 497 -13.13 -32.08 2.91
CA GLY B 497 -14.17 -31.75 1.93
C GLY B 497 -13.57 -31.48 0.57
N ARG B 498 -14.48 -31.27 -0.39
CA ARG B 498 -14.08 -30.61 -1.64
C ARG B 498 -13.56 -29.22 -1.31
N SER B 499 -12.70 -28.67 -2.17
CA SER B 499 -11.95 -27.47 -1.81
CA SER B 499 -11.98 -27.46 -1.81
C SER B 499 -11.68 -26.62 -3.03
N TYR B 500 -11.29 -25.39 -2.77
CA TYR B 500 -10.71 -24.54 -3.80
C TYR B 500 -9.23 -24.86 -3.85
C4 1XK C . 12.62 8.73 -11.56
C 1XK C . 13.12 6.82 -7.81
N 1XK C . 13.54 6.98 -10.20
N1 1XK C . 14.49 5.75 -12.45
C3 1XK C . 11.91 9.22 -10.48
C2 1XK C . 12.06 8.60 -9.25
C1 1XK C . 12.88 7.49 -9.13
O 1XK C . 14.27 7.68 -13.60
C10 1XK C . 18.63 3.97 -12.87
C11 1XK C . 19.38 5.06 -13.24
C12 1XK C . 18.72 6.16 -13.76
C13 1XK C . 17.34 6.14 -13.90
C14 1XK C . 19.49 7.34 -14.22
C15 1XK C . 20.84 7.64 -14.03
C16 1XK C . 20.00 10.59 -15.73
C17 1XK C . 19.00 8.43 -14.89
C18 1XK C . 10.85 10.89 -12.02
C19 1XK C . 9.48 11.57 -11.95
C20 1XK C . 9.27 11.91 -10.46
C21 1XK C . 9.60 13.38 -10.18
C22 1XK C . 7.87 11.55 -9.95
C23 1XK C . 7.00 10.50 -10.58
C24 1XK C . 6.69 11.96 -10.77
C25 1XK C . 10.24 10.95 -9.74
C5 1XK C . 13.41 7.60 -11.37
C6 1XK C . 14.12 7.02 -12.57
C7 1XK C . 15.10 5.03 -13.56
C8 1XK C . 16.60 5.03 -13.49
C9 1XK C . 17.27 3.92 -12.97
F 1XK C . 19.28 2.86 -12.45
N2 1XK C . 21.17 8.82 -14.54
N3 1XK C . 20.02 9.29 -15.07
N4 1XK C . 11.01 10.33 -10.68
O1 1XK C . 9.77 13.58 -8.78
O2 1XK C . 10.30 10.76 -8.56
O4' HFG D . 5.00 8.52 -16.18
C21 HFG D . 4.94 9.50 -16.88
C3' HFG D . 3.81 10.49 -16.79
C2' HFG D . 3.02 10.46 -15.48
N1' HFG D . 2.30 9.19 -15.29
C6' HFG D . 1.41 9.28 -14.12
C5' HFG D . 2.16 9.58 -12.85
C4' HFG D . 3.01 10.83 -13.00
C39 HFG D . 3.88 10.72 -14.24
O7' HFG D . 4.64 11.91 -14.41
C1' HFG D . 6.01 9.83 -17.92
N3 HFG D . 6.84 8.68 -18.27
C4 HFG D . 6.31 7.74 -19.15
O11 HFG D . 5.20 7.88 -19.64
C10 HFG D . 7.21 6.60 -19.41
C5 HFG D . 6.81 5.59 -20.27
C2 HFG D . 8.08 8.55 -17.74
N1 HFG D . 8.90 7.57 -17.94
C9 HFG D . 8.46 6.56 -18.79
C8 HFG D . 9.29 5.47 -19.01
C7 HFG D . 8.89 4.45 -19.83
BR1 HFG D . 10.01 2.92 -19.96
C6 HFG D . 7.65 4.51 -20.49
CL1 HFG D . 7.16 3.32 -21.63
O1 MES E . 3.22 -3.28 -5.03
C2 MES E . 3.77 -2.23 -4.28
C3 MES E . 2.97 -1.96 -3.02
N4 MES E . 1.53 -2.17 -3.20
C5 MES E . 0.92 -2.77 -4.39
C6 MES E . 1.93 -2.92 -5.53
C7 MES E . 0.65 -1.94 -2.06
C8 MES E . 1.15 -0.66 -1.39
S MES E . 0.11 -0.16 -0.19
O1S MES E . 0.02 1.31 -0.27
O2S MES E . -1.23 -0.76 -0.36
O3S MES E . 0.68 -0.52 1.14
C1 OXM F . 8.06 12.45 -15.21
N1 OXM F . 9.13 13.22 -15.35
O1 OXM F . 6.89 12.87 -15.24
C2 OXM F . 8.27 11.00 -15.01
O2 OXM F . 7.28 10.31 -14.75
O3 OXM F . 9.43 10.53 -15.10
C1 EDO G . 5.29 28.36 -4.13
O1 EDO G . 6.53 27.85 -4.64
C2 EDO G . 5.08 29.76 -4.68
O2 EDO G . 4.29 29.67 -5.86
C1 EDO H . 24.46 11.24 -3.66
O1 EDO H . 25.57 11.74 -4.40
C2 EDO H . 23.18 11.95 -4.08
O2 EDO H . 23.06 11.96 -5.50
C1 EDO I . 22.05 -3.59 -16.71
O1 EDO I . 22.45 -3.78 -15.34
C2 EDO I . 21.32 -4.83 -17.21
O2 EDO I . 20.50 -5.36 -16.17
C FMT J . -4.60 26.20 -18.33
O1 FMT J . -5.42 26.24 -19.25
O2 FMT J . -3.38 26.27 -18.47
C FMT K . 10.77 4.93 -22.70
O1 FMT K . 11.96 4.77 -22.45
O2 FMT K . 10.24 6.03 -22.88
C FMT L . 21.09 39.57 -22.74
O1 FMT L . 20.83 39.06 -23.83
O2 FMT L . 21.04 40.77 -22.49
C FMT M . -5.70 19.81 -25.35
O1 FMT M . -4.99 18.81 -25.37
O2 FMT M . -6.88 19.78 -25.04
C FMT N . 3.09 13.91 18.24
O1 FMT N . 3.71 13.44 17.28
O2 FMT N . 2.00 14.46 18.15
C FMT O . 19.16 22.20 10.10
O1 FMT O . 19.73 21.99 9.02
O2 FMT O . 19.66 21.98 11.21
C FMT P . 24.41 13.41 -10.12
O1 FMT P . 23.75 13.98 -10.99
O2 FMT P . 25.02 13.99 -9.22
C1 EDO Q . 8.21 13.81 -18.76
O1 EDO Q . 7.17 13.93 -17.76
C2 EDO Q . 8.30 12.37 -19.22
O2 EDO Q . 8.89 11.60 -18.16
C4 1XK R . -3.92 -18.24 -4.12
C 1XK R . -5.95 -14.62 -5.06
N 1XK R . -4.77 -16.65 -5.71
N1 1XK R . -3.40 -17.97 -7.69
C3 1XK R . -4.35 -17.45 -3.07
C2 1XK R . -5.02 -16.24 -3.35
C1 1XK R . -5.21 -15.88 -4.69
O 1XK R . -3.34 -19.81 -6.38
C10 1XK R . -5.18 -18.89 -11.74
C11 1XK R . -5.86 -20.07 -11.52
C12 1XK R . -5.51 -20.82 -10.41
C13 1XK R . -4.49 -20.37 -9.56
C14 1XK R . -6.18 -22.11 -10.14
C15 1XK R . -7.32 -22.66 -10.73
C16 1XK R . -6.79 -25.23 -8.41
C17 1XK R . -5.84 -23.03 -9.17
C18 1XK R . -3.29 -19.08 -1.48
C19 1XK R . -2.71 -18.86 -0.08
C20 1XK R . -3.72 -17.91 0.60
C21 1XK R . -4.71 -18.72 1.45
C22 1XK R . -3.04 -16.80 1.42
C23 1XK R . -1.68 -16.25 1.11
C24 1XK R . -1.87 -17.18 2.26
C25 1XK R . -4.40 -17.22 -0.58
C5 1XK R . -4.14 -17.79 -5.41
C6 1XK R . -3.61 -18.62 -6.54
C7 1XK R . -2.81 -18.64 -8.85
C8 1XK R . -3.85 -19.16 -9.80
C9 1XK R . -4.21 -18.41 -10.92
F 1XK R . -5.50 -18.18 -12.85
N2 1XK R . -7.65 -23.82 -10.20
N3 1XK R . -6.73 -24.03 -9.24
N4 1XK R . -4.04 -17.85 -1.73
O1 1XK R . -5.79 -17.88 1.85
O2 1XK R . -5.17 -16.27 -0.52
O4' HFG S . 4.14 -18.55 -0.33
C21 HFG S . 4.24 -19.59 0.28
C3' HFG S . 4.52 -19.62 1.76
C2' HFG S . 4.19 -18.33 2.52
N1' HFG S . 5.05 -17.21 2.09
C6' HFG S . 4.85 -16.05 2.97
C5' HFG S . 3.41 -15.57 2.95
C4' HFG S . 2.45 -16.71 3.28
C39 HFG S . 2.74 -17.90 2.40
O7' HFG S . 1.88 -18.99 2.74
C1' HFG S . 4.13 -20.95 -0.38
N3 HFG S . 4.24 -20.88 -1.84
C4 HFG S . 5.51 -20.80 -2.38
O11 HFG S . 6.50 -20.81 -1.69
C10 HFG S . 5.52 -20.70 -3.85
C5 HFG S . 6.72 -20.61 -4.54
C2 HFG S . 3.12 -20.89 -2.61
N1 HFG S . 3.08 -20.81 -3.89
C9 HFG S . 4.31 -20.70 -4.54
C8 HFG S . 4.30 -20.56 -5.93
C7 HFG S . 5.50 -20.42 -6.60
BR1 HFG S . 5.41 -20.02 -8.46
C6 HFG S . 6.71 -20.48 -5.91
CL1 HFG S . 8.24 -20.44 -6.74
C1 OXM T . 0.04 -21.27 0.79
N1 OXM T . -0.91 -22.17 0.64
O1 OXM T . 0.74 -21.15 1.82
C2 OXM T . 0.30 -20.37 -0.34
O2 OXM T . -0.27 -20.59 -1.43
O3 OXM T . 1.07 -19.41 -0.16
C1 EDO U . -18.13 -19.01 -7.98
O1 EDO U . -17.75 -19.56 -9.25
C2 EDO U . -16.86 -18.59 -7.25
O2 EDO U . -16.01 -19.73 -7.14
C ACT V . 2.19 -23.97 -0.30
O ACT V . 1.41 -23.27 -1.00
OXT ACT V . 3.20 -24.50 -0.78
CH3 ACT V . 1.91 -24.11 1.17
C FMT W . -15.16 -28.00 13.39
O1 FMT W . -14.45 -27.46 14.24
O2 FMT W . -16.31 -28.38 13.57
C FMT X . -3.07 -24.63 19.38
O1 FMT X . -3.45 -25.77 19.60
O2 FMT X . -3.44 -23.64 20.03
C FMT Y . -9.06 2.88 5.84
O1 FMT Y . -9.92 2.56 6.67
O2 FMT Y . -9.30 3.57 4.85
C FMT Z . -16.64 -20.34 13.94
O1 FMT Z . -15.76 -21.10 14.36
O2 FMT Z . -16.84 -19.21 14.41
C FMT AA . -14.84 -24.55 -7.61
O1 FMT AA . -15.21 -23.93 -8.59
O2 FMT AA . -13.70 -25.01 -7.47
C FMT BA . 1.13 -19.67 23.41
O1 FMT BA . 0.26 -18.92 22.96
O2 FMT BA . 1.69 -20.54 22.75
C1 EDO CA . -6.31 -7.55 -6.29
O1 EDO CA . -5.59 -8.67 -5.83
C2 EDO CA . -6.19 -7.44 -7.81
O2 EDO CA . -6.87 -8.55 -8.42
#